data_2I18
#
_entry.id   2I18
#
_cell.length_a   1.000
_cell.length_b   1.000
_cell.length_c   1.000
_cell.angle_alpha   90.00
_cell.angle_beta   90.00
_cell.angle_gamma   90.00
#
_symmetry.space_group_name_H-M   'P 1'
#
loop_
_entity.id
_entity.type
_entity.pdbx_description
1 polymer 'Calcium-binding protein'
2 non-polymer 'LANTHANUM (III) ION'
#
_entity_poly.entity_id   1
_entity_poly.type   'polypeptide(L)'
_entity_poly.pdbx_seq_one_letter_code
;SDDKIGLKVLYKLMDVDGDGKLTKEEVTSFFKKHGIEKVAEQVMKADANGDGYITLEEFLEFSL
;
_entity_poly.pdbx_strand_id   A
#
loop_
_chem_comp.id
_chem_comp.type
_chem_comp.name
_chem_comp.formula
LA non-polymer 'LANTHANUM (III) ION' 'La 3'
#
# COMPACT_ATOMS: atom_id res chain seq x y z
N SER A 1 13.42 10.84 2.37
CA SER A 1 13.08 10.02 3.52
C SER A 1 11.58 10.13 3.83
N ASP A 2 11.21 11.26 4.40
CA ASP A 2 9.82 11.50 4.75
C ASP A 2 8.94 11.17 3.54
N ASP A 3 9.55 11.23 2.37
CA ASP A 3 8.84 10.95 1.13
C ASP A 3 7.88 9.77 1.36
N LYS A 4 8.37 8.77 2.08
CA LYS A 4 7.59 7.59 2.38
C LYS A 4 8.31 6.74 3.41
N ILE A 5 9.03 7.42 4.29
CA ILE A 5 9.78 6.74 5.33
C ILE A 5 8.82 5.92 6.20
N GLY A 6 7.84 6.60 6.76
CA GLY A 6 6.85 5.96 7.60
C GLY A 6 5.91 5.09 6.77
N LEU A 7 5.24 5.73 5.82
CA LEU A 7 4.31 5.04 4.95
C LEU A 7 4.92 3.70 4.52
N LYS A 8 6.22 3.73 4.27
CA LYS A 8 6.93 2.53 3.85
C LYS A 8 7.09 1.60 5.05
N VAL A 9 7.51 2.19 6.17
CA VAL A 9 7.71 1.43 7.39
C VAL A 9 6.46 0.58 7.67
N LEU A 10 5.35 1.26 7.87
CA LEU A 10 4.09 0.59 8.15
C LEU A 10 3.78 -0.39 7.02
N TYR A 11 3.87 0.12 5.79
CA TYR A 11 3.61 -0.69 4.63
C TYR A 11 4.43 -1.98 4.65
N LYS A 12 5.74 -1.80 4.71
CA LYS A 12 6.65 -2.93 4.75
C LYS A 12 6.25 -3.87 5.89
N LEU A 13 5.73 -3.27 6.95
CA LEU A 13 5.30 -4.03 8.10
C LEU A 13 3.92 -4.64 7.82
N MET A 14 3.18 -3.98 6.95
CA MET A 14 1.85 -4.44 6.58
C MET A 14 1.92 -5.66 5.65
N ASP A 15 2.63 -5.48 4.55
CA ASP A 15 2.79 -6.54 3.58
C ASP A 15 3.00 -7.88 4.32
N VAL A 16 1.90 -8.60 4.46
CA VAL A 16 1.94 -9.89 5.14
C VAL A 16 1.63 -11.00 4.13
N ASP A 17 0.95 -10.62 3.07
CA ASP A 17 0.58 -11.56 2.04
C ASP A 17 1.74 -12.55 1.82
N GLY A 18 2.75 -12.09 1.10
CA GLY A 18 3.91 -12.90 0.81
C GLY A 18 4.46 -12.61 -0.58
N ASP A 19 4.90 -11.36 -0.76
CA ASP A 19 5.46 -10.94 -2.03
C ASP A 19 6.32 -9.69 -1.80
N GLY A 20 5.75 -8.73 -1.09
CA GLY A 20 6.45 -7.49 -0.81
C GLY A 20 5.71 -6.29 -1.41
N LYS A 21 4.67 -6.60 -2.19
CA LYS A 21 3.88 -5.56 -2.82
C LYS A 21 2.63 -5.29 -1.98
N LEU A 22 2.18 -4.05 -2.03
CA LEU A 22 1.00 -3.66 -1.28
C LEU A 22 -0.23 -3.72 -2.19
N THR A 23 -0.87 -4.89 -2.16
CA THR A 23 -2.06 -5.10 -2.98
C THR A 23 -3.32 -4.75 -2.18
N LYS A 24 -4.40 -4.53 -2.92
CA LYS A 24 -5.66 -4.18 -2.31
C LYS A 24 -6.09 -5.31 -1.35
N GLU A 25 -6.39 -6.45 -1.94
CA GLU A 25 -6.82 -7.61 -1.17
C GLU A 25 -5.98 -7.72 0.11
N GLU A 26 -4.67 -7.73 -0.07
CA GLU A 26 -3.75 -7.83 1.04
C GLU A 26 -3.90 -6.62 1.96
N VAL A 27 -4.17 -5.48 1.34
CA VAL A 27 -4.34 -4.24 2.10
C VAL A 27 -5.61 -4.34 2.94
N THR A 28 -6.74 -4.29 2.26
CA THR A 28 -8.03 -4.37 2.93
C THR A 28 -8.01 -5.48 3.98
N SER A 29 -7.25 -6.52 3.69
CA SER A 29 -7.14 -7.64 4.60
C SER A 29 -6.49 -7.20 5.91
N PHE A 30 -5.33 -6.59 5.79
CA PHE A 30 -4.61 -6.11 6.95
C PHE A 30 -5.18 -4.78 7.45
N PHE A 31 -5.65 -3.98 6.49
CA PHE A 31 -6.23 -2.69 6.81
C PHE A 31 -7.65 -2.84 7.33
N LYS A 32 -8.24 -3.99 7.06
CA LYS A 32 -9.60 -4.26 7.48
C LYS A 32 -9.79 -3.75 8.92
N LYS A 33 -8.68 -3.73 9.66
CA LYS A 33 -8.71 -3.27 11.03
C LYS A 33 -8.48 -1.75 11.05
N HIS A 34 -7.50 -1.33 10.27
CA HIS A 34 -7.15 0.09 10.19
C HIS A 34 -8.30 0.86 9.54
N GLY A 35 -7.94 1.67 8.56
CA GLY A 35 -8.93 2.46 7.85
C GLY A 35 -9.17 1.92 6.44
N ILE A 36 -9.27 0.59 6.37
CA ILE A 36 -9.50 -0.07 5.08
C ILE A 36 -10.42 0.79 4.23
N GLU A 37 -11.33 1.49 4.90
CA GLU A 37 -12.27 2.35 4.21
C GLU A 37 -11.54 3.51 3.53
N LYS A 38 -11.04 4.41 4.37
CA LYS A 38 -10.32 5.57 3.87
C LYS A 38 -9.13 5.10 3.03
N VAL A 39 -8.57 3.97 3.44
CA VAL A 39 -7.43 3.41 2.74
C VAL A 39 -7.90 2.85 1.39
N ALA A 40 -9.08 2.25 1.40
CA ALA A 40 -9.64 1.67 0.19
C ALA A 40 -9.76 2.76 -0.87
N GLU A 41 -10.29 3.90 -0.46
CA GLU A 41 -10.46 5.02 -1.37
C GLU A 41 -9.10 5.53 -1.86
N GLN A 42 -8.22 5.78 -0.90
CA GLN A 42 -6.89 6.27 -1.22
C GLN A 42 -6.13 5.23 -2.06
N VAL A 43 -6.33 3.97 -1.69
CA VAL A 43 -5.67 2.88 -2.40
C VAL A 43 -6.23 2.79 -3.82
N MET A 44 -7.55 2.90 -3.90
CA MET A 44 -8.21 2.82 -5.19
C MET A 44 -7.65 3.88 -6.16
N LYS A 45 -7.48 5.08 -5.64
CA LYS A 45 -6.96 6.18 -6.43
C LYS A 45 -5.43 6.05 -6.53
N ALA A 46 -4.87 5.29 -5.59
CA ALA A 46 -3.43 5.08 -5.56
C ALA A 46 -3.01 4.23 -6.76
N ASP A 47 -3.62 3.05 -6.84
CA ASP A 47 -3.33 2.13 -7.93
C ASP A 47 -3.24 2.92 -9.24
N ALA A 48 -4.33 3.58 -9.58
CA ALA A 48 -4.38 4.37 -10.80
C ALA A 48 -3.65 3.62 -11.91
N ASN A 49 -3.99 2.36 -12.06
CA ASN A 49 -3.37 1.53 -13.08
C ASN A 49 -4.40 0.52 -13.60
N GLY A 50 -5.08 -0.12 -12.67
CA GLY A 50 -6.09 -1.10 -13.02
C GLY A 50 -6.42 -2.00 -11.82
N ASP A 51 -5.39 -2.64 -11.30
CA ASP A 51 -5.56 -3.53 -10.16
C ASP A 51 -4.22 -4.20 -9.84
N GLY A 52 -3.28 -3.38 -9.40
CA GLY A 52 -1.96 -3.88 -9.05
C GLY A 52 -1.70 -3.73 -7.55
N TYR A 53 -0.45 -3.43 -7.22
CA TYR A 53 -0.06 -3.26 -5.83
C TYR A 53 1.02 -2.18 -5.69
N ILE A 54 1.25 -1.78 -4.45
CA ILE A 54 2.25 -0.77 -4.16
C ILE A 54 3.54 -1.44 -3.71
N THR A 55 4.49 -1.50 -4.63
CA THR A 55 5.78 -2.13 -4.34
C THR A 55 6.79 -1.06 -3.94
N LEU A 56 7.71 -1.46 -3.06
CA LEU A 56 8.74 -0.55 -2.58
C LEU A 56 9.25 0.30 -3.76
N GLU A 57 9.37 -0.35 -4.91
CA GLU A 57 9.85 0.32 -6.10
C GLU A 57 8.82 1.36 -6.56
N GLU A 58 7.57 0.92 -6.61
CA GLU A 58 6.49 1.80 -7.03
C GLU A 58 6.22 2.86 -5.97
N PHE A 59 6.42 2.47 -4.72
CA PHE A 59 6.21 3.38 -3.60
C PHE A 59 7.21 4.52 -3.62
N LEU A 60 8.45 4.17 -3.97
CA LEU A 60 9.51 5.16 -4.03
C LEU A 60 9.42 5.92 -5.36
N GLU A 61 8.87 5.24 -6.35
CA GLU A 61 8.71 5.83 -7.67
C GLU A 61 7.63 6.92 -7.64
N PHE A 62 6.62 6.68 -6.82
CA PHE A 62 5.52 7.62 -6.69
C PHE A 62 5.94 8.85 -5.88
N SER A 63 6.87 8.62 -4.96
CA SER A 63 7.37 9.69 -4.12
C SER A 63 8.37 10.55 -4.90
N LEU A 64 9.01 9.92 -5.87
CA LEU A 64 10.00 10.61 -6.69
C LEU A 64 9.27 11.42 -7.76
LA LA B . 2.04 -8.89 -0.10
N SER A 1 12.69 11.25 0.33
CA SER A 1 13.08 10.16 1.20
C SER A 1 12.15 10.10 2.42
N ASP A 2 12.15 11.18 3.18
CA ASP A 2 11.31 11.26 4.36
C ASP A 2 9.84 11.21 3.94
N ASP A 3 9.59 11.63 2.71
CA ASP A 3 8.24 11.63 2.18
C ASP A 3 7.89 10.23 1.69
N LYS A 4 8.14 9.25 2.57
CA LYS A 4 7.85 7.87 2.24
C LYS A 4 8.40 6.97 3.34
N ILE A 5 9.50 7.41 3.94
CA ILE A 5 10.12 6.65 5.01
C ILE A 5 9.04 6.06 5.91
N GLY A 6 8.18 6.95 6.41
CA GLY A 6 7.10 6.53 7.29
C GLY A 6 6.19 5.51 6.58
N LEU A 7 5.52 5.98 5.54
CA LEU A 7 4.62 5.14 4.79
C LEU A 7 5.29 3.78 4.52
N LYS A 8 6.59 3.85 4.24
CA LYS A 8 7.36 2.66 3.97
C LYS A 8 7.39 1.78 5.23
N VAL A 9 7.67 2.43 6.35
CA VAL A 9 7.74 1.74 7.62
C VAL A 9 6.47 0.89 7.81
N LEU A 10 5.34 1.59 7.82
CA LEU A 10 4.06 0.93 7.98
C LEU A 10 3.89 -0.13 6.88
N TYR A 11 4.13 0.31 5.66
CA TYR A 11 4.00 -0.57 4.51
C TYR A 11 4.82 -1.86 4.71
N LYS A 12 6.10 -1.66 4.96
CA LYS A 12 7.01 -2.79 5.16
C LYS A 12 6.45 -3.67 6.28
N LEU A 13 5.82 -3.02 7.24
CA LEU A 13 5.23 -3.73 8.38
C LEU A 13 3.89 -4.33 7.96
N MET A 14 3.30 -3.73 6.93
CA MET A 14 2.02 -4.19 6.43
C MET A 14 2.17 -5.49 5.64
N ASP A 15 3.02 -5.43 4.63
CA ASP A 15 3.25 -6.58 3.79
C ASP A 15 3.28 -7.85 4.67
N VAL A 16 2.14 -8.53 4.70
CA VAL A 16 2.02 -9.74 5.49
C VAL A 16 1.80 -10.93 4.55
N ASP A 17 1.06 -10.67 3.48
CA ASP A 17 0.77 -11.71 2.50
C ASP A 17 2.00 -12.60 2.31
N GLY A 18 3.00 -12.03 1.66
CA GLY A 18 4.24 -12.75 1.41
C GLY A 18 4.70 -12.57 -0.04
N ASP A 19 4.60 -11.34 -0.51
CA ASP A 19 5.01 -11.02 -1.86
C ASP A 19 5.97 -9.82 -1.84
N GLY A 20 5.61 -8.84 -1.03
CA GLY A 20 6.42 -7.64 -0.91
C GLY A 20 5.65 -6.41 -1.40
N LYS A 21 4.67 -6.66 -2.25
CA LYS A 21 3.86 -5.58 -2.80
C LYS A 21 2.58 -5.44 -1.97
N LEU A 22 2.11 -4.21 -1.88
CA LEU A 22 0.90 -3.92 -1.14
C LEU A 22 -0.30 -3.92 -2.08
N THR A 23 -0.95 -5.08 -2.16
CA THR A 23 -2.11 -5.23 -3.03
C THR A 23 -3.39 -4.93 -2.25
N LYS A 24 -4.45 -4.66 -3.00
CA LYS A 24 -5.74 -4.37 -2.40
C LYS A 24 -6.13 -5.50 -1.46
N GLU A 25 -6.37 -6.66 -2.06
CA GLU A 25 -6.76 -7.83 -1.28
C GLU A 25 -5.94 -7.91 0.01
N GLU A 26 -4.63 -7.91 -0.16
CA GLU A 26 -3.73 -7.99 0.98
C GLU A 26 -3.90 -6.75 1.87
N VAL A 27 -4.20 -5.63 1.22
CA VAL A 27 -4.39 -4.38 1.94
C VAL A 27 -5.67 -4.47 2.76
N THR A 28 -6.79 -4.45 2.07
CA THR A 28 -8.09 -4.53 2.72
C THR A 28 -8.06 -5.59 3.83
N SER A 29 -7.33 -6.66 3.57
CA SER A 29 -7.21 -7.74 4.53
C SER A 29 -6.57 -7.23 5.81
N PHE A 30 -5.36 -6.71 5.66
CA PHE A 30 -4.62 -6.19 6.79
C PHE A 30 -5.22 -4.88 7.29
N PHE A 31 -5.70 -4.10 6.33
CA PHE A 31 -6.31 -2.81 6.65
C PHE A 31 -7.70 -3.00 7.25
N LYS A 32 -8.27 -4.16 7.01
CA LYS A 32 -9.60 -4.48 7.51
C LYS A 32 -9.61 -4.29 9.03
N LYS A 33 -8.42 -4.32 9.61
CA LYS A 33 -8.29 -4.16 11.05
C LYS A 33 -8.23 -2.67 11.39
N HIS A 34 -7.90 -1.88 10.36
CA HIS A 34 -7.81 -0.44 10.54
C HIS A 34 -9.02 0.23 9.89
N GLY A 35 -8.73 1.27 9.12
CA GLY A 35 -9.78 2.01 8.43
C GLY A 35 -9.79 1.69 6.94
N ILE A 36 -9.66 0.41 6.64
CA ILE A 36 -9.65 -0.05 5.26
C ILE A 36 -10.51 0.90 4.41
N GLU A 37 -11.67 1.23 4.96
CA GLU A 37 -12.59 2.12 4.27
C GLU A 37 -11.82 3.26 3.60
N LYS A 38 -11.12 4.03 4.43
CA LYS A 38 -10.34 5.14 3.93
C LYS A 38 -9.43 4.67 2.80
N VAL A 39 -8.52 3.78 3.15
CA VAL A 39 -7.59 3.23 2.19
C VAL A 39 -8.36 2.73 0.97
N ALA A 40 -9.60 2.33 1.21
CA ALA A 40 -10.46 1.83 0.15
C ALA A 40 -10.63 2.91 -0.91
N GLU A 41 -11.06 4.08 -0.44
CA GLU A 41 -11.28 5.21 -1.34
C GLU A 41 -9.94 5.73 -1.86
N GLN A 42 -8.99 5.87 -0.94
CA GLN A 42 -7.67 6.36 -1.29
C GLN A 42 -7.01 5.42 -2.31
N VAL A 43 -6.95 4.16 -1.94
CA VAL A 43 -6.35 3.16 -2.82
C VAL A 43 -7.18 3.01 -4.08
N MET A 44 -8.47 3.30 -3.94
CA MET A 44 -9.39 3.21 -5.06
C MET A 44 -8.98 4.17 -6.18
N LYS A 45 -8.73 5.41 -5.78
CA LYS A 45 -8.33 6.43 -6.75
C LYS A 45 -6.84 6.28 -7.06
N ALA A 46 -6.14 5.64 -6.13
CA ALA A 46 -4.71 5.42 -6.29
C ALA A 46 -4.48 4.28 -7.28
N ASP A 47 -5.14 3.18 -7.02
CA ASP A 47 -5.02 2.01 -7.87
C ASP A 47 -5.97 2.15 -9.07
N ALA A 48 -5.87 3.29 -9.73
CA ALA A 48 -6.72 3.57 -10.88
C ALA A 48 -6.13 2.87 -12.11
N ASN A 49 -4.88 2.46 -11.98
CA ASN A 49 -4.20 1.79 -13.07
C ASN A 49 -5.00 0.55 -13.48
N GLY A 50 -5.74 0.01 -12.51
CA GLY A 50 -6.55 -1.17 -12.76
C GLY A 50 -6.76 -1.96 -11.47
N ASP A 51 -5.66 -2.31 -10.84
CA ASP A 51 -5.71 -3.07 -9.59
C ASP A 51 -4.37 -3.77 -9.37
N GLY A 52 -3.37 -2.97 -9.07
CA GLY A 52 -2.03 -3.51 -8.83
C GLY A 52 -1.71 -3.53 -7.33
N TYR A 53 -0.50 -3.11 -7.01
CA TYR A 53 -0.05 -3.09 -5.64
C TYR A 53 1.09 -2.08 -5.44
N ILE A 54 1.40 -1.82 -4.18
CA ILE A 54 2.45 -0.88 -3.85
C ILE A 54 3.75 -1.66 -3.57
N THR A 55 4.64 -1.64 -4.55
CA THR A 55 5.91 -2.32 -4.42
C THR A 55 7.01 -1.35 -4.00
N LEU A 56 7.89 -1.85 -3.15
CA LEU A 56 8.98 -1.04 -2.65
C LEU A 56 9.50 -0.13 -3.78
N GLU A 57 9.56 -0.70 -4.97
CA GLU A 57 10.03 0.03 -6.14
C GLU A 57 9.01 1.12 -6.51
N GLU A 58 7.76 0.70 -6.64
CA GLU A 58 6.70 1.63 -7.00
C GLU A 58 6.51 2.66 -5.88
N PHE A 59 6.59 2.18 -4.65
CA PHE A 59 6.42 3.04 -3.49
C PHE A 59 7.53 4.10 -3.44
N LEU A 60 8.71 3.68 -3.84
CA LEU A 60 9.87 4.56 -3.84
C LEU A 60 9.80 5.48 -5.06
N GLU A 61 9.94 4.87 -6.22
CA GLU A 61 9.90 5.62 -7.47
C GLU A 61 8.80 6.68 -7.42
N PHE A 62 7.68 6.29 -6.81
CA PHE A 62 6.56 7.20 -6.68
C PHE A 62 7.01 8.58 -6.20
N SER A 63 7.89 8.57 -5.22
CA SER A 63 8.41 9.80 -4.65
C SER A 63 9.50 10.38 -5.56
N LEU A 64 10.39 9.49 -5.99
CA LEU A 64 11.48 9.90 -6.86
C LEU A 64 10.97 10.00 -8.30
LA LA B . 2.09 -8.89 0.00
N SER A 1 11.24 12.11 1.84
CA SER A 1 12.22 11.14 2.30
C SER A 1 11.65 10.33 3.46
N ASP A 2 11.51 11.00 4.60
CA ASP A 2 10.98 10.35 5.78
C ASP A 2 9.51 10.02 5.56
N ASP A 3 8.83 10.91 4.84
CA ASP A 3 7.43 10.72 4.54
C ASP A 3 7.25 9.41 3.76
N LYS A 4 8.29 9.05 3.03
CA LYS A 4 8.26 7.82 2.24
C LYS A 4 8.66 6.64 3.11
N ILE A 5 9.63 6.88 3.98
CA ILE A 5 10.11 5.85 4.87
C ILE A 5 8.95 5.35 5.75
N GLY A 6 8.42 6.27 6.53
CA GLY A 6 7.30 5.95 7.41
C GLY A 6 6.28 5.06 6.71
N LEU A 7 5.64 5.64 5.70
CA LEU A 7 4.64 4.91 4.93
C LEU A 7 5.19 3.53 4.57
N LYS A 8 6.47 3.51 4.22
CA LYS A 8 7.13 2.27 3.84
C LYS A 8 7.21 1.35 5.07
N VAL A 9 7.49 1.98 6.21
CA VAL A 9 7.61 1.23 7.45
C VAL A 9 6.32 0.46 7.70
N LEU A 10 5.22 1.20 7.75
CA LEU A 10 3.92 0.60 7.98
C LEU A 10 3.63 -0.42 6.88
N TYR A 11 3.80 0.02 5.65
CA TYR A 11 3.56 -0.84 4.50
C TYR A 11 4.39 -2.12 4.60
N LYS A 12 5.70 -1.94 4.69
CA LYS A 12 6.61 -3.07 4.78
C LYS A 12 6.20 -3.95 5.96
N LEU A 13 5.65 -3.29 6.99
CA LEU A 13 5.22 -4.01 8.18
C LEU A 13 3.84 -4.63 7.91
N MET A 14 3.13 -4.03 6.98
CA MET A 14 1.80 -4.51 6.62
C MET A 14 1.89 -5.77 5.77
N ASP A 15 2.75 -5.70 4.76
CA ASP A 15 2.92 -6.83 3.86
C ASP A 15 3.24 -8.09 4.68
N VAL A 16 2.18 -8.80 5.04
CA VAL A 16 2.34 -10.02 5.82
C VAL A 16 1.89 -11.21 4.99
N ASP A 17 0.90 -10.96 4.14
CA ASP A 17 0.37 -12.01 3.28
C ASP A 17 1.51 -12.88 2.78
N GLY A 18 2.66 -12.24 2.56
CA GLY A 18 3.84 -12.94 2.08
C GLY A 18 3.98 -12.78 0.56
N ASP A 19 4.54 -11.64 0.17
CA ASP A 19 4.74 -11.34 -1.23
C ASP A 19 5.79 -10.24 -1.37
N GLY A 20 5.53 -9.13 -0.68
CA GLY A 20 6.43 -8.00 -0.72
C GLY A 20 5.75 -6.77 -1.32
N LYS A 21 4.71 -7.04 -2.10
CA LYS A 21 3.96 -5.97 -2.74
C LYS A 21 2.73 -5.64 -1.91
N LEU A 22 2.35 -4.38 -1.94
CA LEU A 22 1.19 -3.92 -1.19
C LEU A 22 -0.04 -3.93 -2.10
N THR A 23 -0.74 -5.06 -2.08
CA THR A 23 -1.94 -5.21 -2.89
C THR A 23 -3.18 -4.78 -2.11
N LYS A 24 -4.21 -4.42 -2.85
CA LYS A 24 -5.46 -3.99 -2.24
C LYS A 24 -6.00 -5.11 -1.35
N GLU A 25 -5.86 -6.33 -1.84
CA GLU A 25 -6.32 -7.50 -1.10
C GLU A 25 -5.62 -7.58 0.26
N GLU A 26 -4.29 -7.62 0.20
CA GLU A 26 -3.49 -7.70 1.41
C GLU A 26 -3.69 -6.45 2.26
N VAL A 27 -3.94 -5.34 1.58
CA VAL A 27 -4.16 -4.07 2.26
C VAL A 27 -5.50 -4.12 3.00
N THR A 28 -6.57 -4.08 2.21
CA THR A 28 -7.90 -4.12 2.77
C THR A 28 -8.00 -5.19 3.86
N SER A 29 -7.23 -6.26 3.67
CA SER A 29 -7.23 -7.34 4.63
C SER A 29 -6.60 -6.88 5.95
N PHE A 30 -5.43 -6.27 5.82
CA PHE A 30 -4.72 -5.78 6.99
C PHE A 30 -5.29 -4.43 7.45
N PHE A 31 -5.80 -3.68 6.49
CA PHE A 31 -6.38 -2.38 6.78
C PHE A 31 -7.79 -2.52 7.33
N LYS A 32 -8.39 -3.68 7.09
CA LYS A 32 -9.73 -3.95 7.56
C LYS A 32 -9.82 -3.68 9.06
N LYS A 33 -8.65 -3.68 9.70
CA LYS A 33 -8.57 -3.44 11.12
C LYS A 33 -8.47 -1.93 11.37
N HIS A 34 -7.90 -1.23 10.40
CA HIS A 34 -7.75 0.20 10.50
C HIS A 34 -8.93 0.90 9.84
N GLY A 35 -8.61 1.85 8.96
CA GLY A 35 -9.63 2.59 8.25
C GLY A 35 -9.73 2.15 6.80
N ILE A 36 -9.67 0.84 6.61
CA ILE A 36 -9.75 0.26 5.28
C ILE A 36 -10.59 1.18 4.38
N GLU A 37 -11.80 1.47 4.86
CA GLU A 37 -12.70 2.33 4.12
C GLU A 37 -11.92 3.45 3.43
N LYS A 38 -11.22 4.22 4.24
CA LYS A 38 -10.43 5.32 3.73
C LYS A 38 -9.51 4.82 2.61
N VAL A 39 -8.57 3.98 3.00
CA VAL A 39 -7.63 3.42 2.05
C VAL A 39 -8.39 2.87 0.84
N ALA A 40 -9.61 2.42 1.11
CA ALA A 40 -10.45 1.87 0.06
C ALA A 40 -10.66 2.93 -1.03
N GLU A 41 -11.06 4.11 -0.59
CA GLU A 41 -11.29 5.21 -1.50
C GLU A 41 -9.97 5.74 -2.06
N GLN A 42 -9.03 5.97 -1.15
CA GLN A 42 -7.72 6.47 -1.53
C GLN A 42 -7.07 5.53 -2.54
N VAL A 43 -7.02 4.26 -2.17
CA VAL A 43 -6.43 3.25 -3.02
C VAL A 43 -7.19 3.19 -4.34
N MET A 44 -8.52 3.29 -4.22
CA MET A 44 -9.38 3.24 -5.40
C MET A 44 -8.92 4.25 -6.45
N LYS A 45 -8.68 5.48 -5.99
CA LYS A 45 -8.24 6.53 -6.88
C LYS A 45 -6.74 6.38 -7.14
N ALA A 46 -6.08 5.65 -6.26
CA ALA A 46 -4.66 5.42 -6.38
C ALA A 46 -4.40 4.41 -7.49
N ASP A 47 -5.06 3.27 -7.39
CA ASP A 47 -4.90 2.22 -8.38
C ASP A 47 -6.12 2.24 -9.31
N ALA A 48 -6.34 3.39 -9.92
CA ALA A 48 -7.46 3.55 -10.83
C ALA A 48 -6.98 3.30 -12.26
N ASN A 49 -5.71 3.61 -12.48
CA ASN A 49 -5.12 3.43 -13.80
C ASN A 49 -4.99 1.93 -14.09
N GLY A 50 -5.18 1.14 -13.05
CA GLY A 50 -5.09 -0.31 -13.18
C GLY A 50 -5.67 -1.01 -11.95
N ASP A 51 -4.84 -1.83 -11.33
CA ASP A 51 -5.25 -2.57 -10.15
C ASP A 51 -4.12 -3.51 -9.72
N GLY A 52 -2.96 -2.92 -9.47
CA GLY A 52 -1.80 -3.69 -9.05
C GLY A 52 -1.55 -3.55 -7.55
N TYR A 53 -0.28 -3.59 -7.19
CA TYR A 53 0.10 -3.46 -5.79
C TYR A 53 1.22 -2.42 -5.62
N ILE A 54 1.43 -2.04 -4.37
CA ILE A 54 2.46 -1.06 -4.06
C ILE A 54 3.72 -1.78 -3.59
N THR A 55 4.68 -1.89 -4.49
CA THR A 55 5.95 -2.55 -4.17
C THR A 55 6.99 -1.52 -3.75
N LEU A 56 7.82 -1.93 -2.80
CA LEU A 56 8.87 -1.05 -2.30
C LEU A 56 9.46 -0.26 -3.47
N GLU A 57 9.64 -0.95 -4.59
CA GLU A 57 10.20 -0.33 -5.77
C GLU A 57 9.25 0.74 -6.30
N GLU A 58 7.99 0.35 -6.45
CA GLU A 58 6.98 1.27 -6.95
C GLU A 58 6.69 2.36 -5.91
N PHE A 59 6.69 1.94 -4.66
CA PHE A 59 6.42 2.86 -3.56
C PHE A 59 7.49 3.95 -3.50
N LEU A 60 8.72 3.55 -3.83
CA LEU A 60 9.84 4.47 -3.81
C LEU A 60 9.79 5.36 -5.06
N GLU A 61 9.78 4.70 -6.21
CA GLU A 61 9.73 5.43 -7.47
C GLU A 61 8.62 6.47 -7.45
N PHE A 62 7.51 6.08 -6.84
CA PHE A 62 6.36 6.98 -6.75
C PHE A 62 6.79 8.38 -6.30
N SER A 63 7.58 8.40 -5.24
CA SER A 63 8.06 9.66 -4.70
C SER A 63 9.18 10.21 -5.59
N LEU A 64 10.17 9.36 -5.83
CA LEU A 64 11.30 9.73 -6.66
C LEU A 64 10.80 10.43 -7.92
LA LA B . 1.67 -9.20 -0.12
N SER A 1 12.14 12.50 1.41
CA SER A 1 11.61 11.20 1.05
C SER A 1 11.21 10.43 2.31
N ASP A 2 11.59 10.98 3.45
CA ASP A 2 11.28 10.36 4.73
C ASP A 2 9.77 10.31 4.91
N ASP A 3 9.09 11.23 4.23
CA ASP A 3 7.64 11.29 4.30
C ASP A 3 7.04 10.02 3.70
N LYS A 4 7.84 9.36 2.87
CA LYS A 4 7.40 8.13 2.23
C LYS A 4 8.00 6.94 2.98
N ILE A 5 9.22 7.12 3.45
CA ILE A 5 9.90 6.07 4.19
C ILE A 5 9.01 5.57 5.32
N GLY A 6 8.20 6.49 5.83
CA GLY A 6 7.28 6.16 6.92
C GLY A 6 6.21 5.17 6.45
N LEU A 7 5.32 5.67 5.60
CA LEU A 7 4.25 4.85 5.07
C LEU A 7 4.82 3.50 4.61
N LYS A 8 6.04 3.55 4.09
CA LYS A 8 6.70 2.35 3.62
C LYS A 8 7.03 1.44 4.81
N VAL A 9 7.47 2.08 5.88
CA VAL A 9 7.82 1.34 7.09
C VAL A 9 6.60 0.57 7.58
N LEU A 10 5.46 1.24 7.57
CA LEU A 10 4.22 0.63 8.00
C LEU A 10 3.78 -0.41 6.97
N TYR A 11 3.83 -0.01 5.71
CA TYR A 11 3.44 -0.89 4.62
C TYR A 11 4.32 -2.14 4.59
N LYS A 12 5.62 -1.90 4.51
CA LYS A 12 6.58 -3.00 4.47
C LYS A 12 6.36 -3.90 5.67
N LEU A 13 6.12 -3.28 6.81
CA LEU A 13 5.88 -4.01 8.05
C LEU A 13 4.51 -4.68 7.98
N MET A 14 3.58 -3.99 7.33
CA MET A 14 2.23 -4.50 7.20
C MET A 14 2.18 -5.67 6.23
N ASP A 15 2.93 -5.54 5.14
CA ASP A 15 2.98 -6.58 4.13
C ASP A 15 3.10 -7.95 4.82
N VAL A 16 1.95 -8.59 4.97
CA VAL A 16 1.91 -9.90 5.60
C VAL A 16 1.16 -10.88 4.71
N ASP A 17 1.86 -11.36 3.68
CA ASP A 17 1.27 -12.29 2.75
C ASP A 17 2.34 -13.23 2.20
N GLY A 18 3.37 -12.62 1.61
CA GLY A 18 4.47 -13.38 1.07
C GLY A 18 4.77 -12.94 -0.37
N ASP A 19 4.76 -11.62 -0.57
CA ASP A 19 5.04 -11.06 -1.88
C ASP A 19 5.96 -9.84 -1.73
N GLY A 20 5.58 -8.97 -0.80
CA GLY A 20 6.37 -7.78 -0.55
C GLY A 20 5.69 -6.55 -1.16
N LYS A 21 4.63 -6.81 -1.91
CA LYS A 21 3.90 -5.74 -2.56
C LYS A 21 2.66 -5.39 -1.72
N LEU A 22 2.20 -4.16 -1.88
CA LEU A 22 1.04 -3.69 -1.15
C LEU A 22 -0.21 -3.84 -2.03
N THR A 23 -0.85 -4.98 -1.90
CA THR A 23 -2.05 -5.26 -2.67
C THR A 23 -3.29 -4.85 -1.87
N LYS A 24 -4.41 -4.76 -2.59
CA LYS A 24 -5.67 -4.39 -1.97
C LYS A 24 -6.08 -5.47 -0.97
N GLU A 25 -6.38 -6.64 -1.51
CA GLU A 25 -6.78 -7.76 -0.66
C GLU A 25 -5.95 -7.79 0.61
N GLU A 26 -4.63 -7.80 0.43
CA GLU A 26 -3.72 -7.84 1.56
C GLU A 26 -3.90 -6.58 2.42
N VAL A 27 -4.18 -5.47 1.75
CA VAL A 27 -4.38 -4.22 2.44
C VAL A 27 -5.65 -4.28 3.28
N THR A 28 -6.78 -4.28 2.58
CA THR A 28 -8.07 -4.36 3.25
C THR A 28 -8.05 -5.41 4.36
N SER A 29 -7.24 -6.44 4.13
CA SER A 29 -7.12 -7.52 5.10
C SER A 29 -6.49 -7.00 6.38
N PHE A 30 -5.33 -6.38 6.24
CA PHE A 30 -4.62 -5.83 7.38
C PHE A 30 -5.21 -4.48 7.79
N PHE A 31 -5.72 -3.76 6.81
CA PHE A 31 -6.31 -2.46 7.06
C PHE A 31 -7.74 -2.61 7.60
N LYS A 32 -8.30 -3.79 7.37
CA LYS A 32 -9.66 -4.07 7.82
C LYS A 32 -9.82 -3.59 9.27
N LYS A 33 -8.70 -3.55 9.97
CA LYS A 33 -8.70 -3.11 11.36
C LYS A 33 -8.47 -1.60 11.41
N HIS A 34 -7.65 -1.12 10.49
CA HIS A 34 -7.34 0.30 10.42
C HIS A 34 -8.49 1.04 9.74
N GLY A 35 -8.14 1.84 8.76
CA GLY A 35 -9.12 2.62 8.02
C GLY A 35 -9.33 2.05 6.61
N ILE A 36 -9.43 0.73 6.56
CA ILE A 36 -9.62 0.05 5.29
C ILE A 36 -10.50 0.91 4.38
N GLU A 37 -11.56 1.44 4.96
CA GLU A 37 -12.48 2.29 4.22
C GLU A 37 -11.72 3.42 3.54
N LYS A 38 -10.96 4.16 4.33
CA LYS A 38 -10.18 5.26 3.81
C LYS A 38 -9.17 4.74 2.78
N VAL A 39 -8.19 4.01 3.29
CA VAL A 39 -7.15 3.45 2.43
C VAL A 39 -7.81 2.87 1.17
N ALA A 40 -8.95 2.24 1.37
CA ALA A 40 -9.68 1.64 0.27
C ALA A 40 -9.96 2.71 -0.79
N GLU A 41 -10.46 3.85 -0.32
CA GLU A 41 -10.78 4.95 -1.21
C GLU A 41 -9.50 5.52 -1.82
N GLN A 42 -8.56 5.85 -0.94
CA GLN A 42 -7.29 6.41 -1.37
C GLN A 42 -6.59 5.45 -2.34
N VAL A 43 -6.57 4.19 -1.96
CA VAL A 43 -5.94 3.16 -2.78
C VAL A 43 -6.66 3.07 -4.12
N MET A 44 -7.99 3.11 -4.05
CA MET A 44 -8.82 3.04 -5.24
C MET A 44 -8.41 4.11 -6.26
N LYS A 45 -8.15 5.30 -5.73
CA LYS A 45 -7.75 6.41 -6.58
C LYS A 45 -6.28 6.28 -6.93
N ALA A 46 -5.56 5.56 -6.07
CA ALA A 46 -4.14 5.36 -6.27
C ALA A 46 -3.93 4.30 -7.36
N ASP A 47 -4.59 3.18 -7.19
CA ASP A 47 -4.50 2.09 -8.14
C ASP A 47 -5.49 2.31 -9.28
N ALA A 48 -5.43 3.51 -9.85
CA ALA A 48 -6.32 3.87 -10.94
C ALA A 48 -5.57 3.78 -12.26
N ASN A 49 -5.43 2.55 -12.74
CA ASN A 49 -4.73 2.32 -14.00
C ASN A 49 -4.95 0.86 -14.43
N GLY A 50 -4.88 -0.03 -13.45
CA GLY A 50 -5.06 -1.45 -13.71
C GLY A 50 -5.66 -2.16 -12.51
N ASP A 51 -4.78 -2.60 -11.62
CA ASP A 51 -5.20 -3.29 -10.42
C ASP A 51 -4.06 -4.18 -9.91
N GLY A 52 -3.03 -3.52 -9.40
CA GLY A 52 -1.88 -4.24 -8.88
C GLY A 52 -1.65 -3.91 -7.40
N TYR A 53 -0.38 -3.92 -7.02
CA TYR A 53 -0.02 -3.63 -5.64
C TYR A 53 1.04 -2.54 -5.57
N ILE A 54 1.24 -2.03 -4.36
CA ILE A 54 2.22 -0.97 -4.15
C ILE A 54 3.51 -1.59 -3.61
N THR A 55 4.49 -1.72 -4.49
CA THR A 55 5.77 -2.29 -4.11
C THR A 55 6.76 -1.18 -3.74
N LEU A 56 7.49 -1.42 -2.65
CA LEU A 56 8.46 -0.46 -2.18
C LEU A 56 9.17 0.17 -3.38
N GLU A 57 9.61 -0.68 -4.30
CA GLU A 57 10.30 -0.22 -5.49
C GLU A 57 9.45 0.82 -6.22
N GLU A 58 8.18 0.48 -6.38
CA GLU A 58 7.25 1.37 -7.07
C GLU A 58 6.87 2.54 -6.16
N PHE A 59 6.61 2.21 -4.90
CA PHE A 59 6.24 3.23 -3.93
C PHE A 59 7.19 4.43 -4.00
N LEU A 60 8.46 4.13 -4.15
CA LEU A 60 9.48 5.17 -4.22
C LEU A 60 9.51 5.73 -5.64
N GLU A 61 9.62 4.82 -6.61
CA GLU A 61 9.66 5.22 -8.01
C GLU A 61 8.50 6.14 -8.33
N PHE A 62 7.36 5.85 -7.74
CA PHE A 62 6.16 6.65 -7.95
C PHE A 62 6.20 7.92 -7.10
N SER A 63 6.68 7.76 -5.87
CA SER A 63 6.77 8.88 -4.95
C SER A 63 7.77 9.91 -5.48
N LEU A 64 8.97 9.43 -5.77
CA LEU A 64 10.02 10.30 -6.27
C LEU A 64 9.81 10.52 -7.77
LA LA B . 1.82 -8.42 -0.23
N SER A 1 11.71 12.37 6.83
CA SER A 1 11.17 11.03 6.70
C SER A 1 11.66 10.40 5.38
N ASP A 2 12.73 10.97 4.87
CA ASP A 2 13.30 10.47 3.62
C ASP A 2 12.45 10.96 2.44
N ASP A 3 11.18 10.62 2.51
CA ASP A 3 10.24 11.00 1.46
C ASP A 3 9.03 10.07 1.50
N LYS A 4 9.26 8.87 1.98
CA LYS A 4 8.20 7.89 2.08
C LYS A 4 8.62 6.77 3.03
N ILE A 5 9.47 7.14 3.98
CA ILE A 5 9.96 6.19 4.97
C ILE A 5 8.81 5.79 5.90
N GLY A 6 7.89 6.73 6.08
CA GLY A 6 6.74 6.48 6.94
C GLY A 6 5.79 5.47 6.30
N LEU A 7 5.22 5.86 5.17
CA LEU A 7 4.29 5.00 4.46
C LEU A 7 4.95 3.64 4.22
N LYS A 8 6.23 3.68 3.88
CA LYS A 8 6.98 2.46 3.62
C LYS A 8 7.01 1.61 4.89
N VAL A 9 7.26 2.27 6.01
CA VAL A 9 7.31 1.59 7.29
C VAL A 9 6.01 0.82 7.51
N LEU A 10 4.91 1.55 7.41
CA LEU A 10 3.60 0.96 7.60
C LEU A 10 3.38 -0.12 6.54
N TYR A 11 3.59 0.27 5.29
CA TYR A 11 3.42 -0.66 4.17
C TYR A 11 4.25 -1.92 4.38
N LYS A 12 5.56 -1.71 4.49
CA LYS A 12 6.48 -2.82 4.68
C LYS A 12 6.02 -3.64 5.89
N LEU A 13 5.42 -2.95 6.85
CA LEU A 13 4.95 -3.61 8.05
C LEU A 13 3.59 -4.28 7.76
N MET A 14 2.89 -3.71 6.81
CA MET A 14 1.58 -4.24 6.42
C MET A 14 1.74 -5.54 5.64
N ASP A 15 2.54 -5.48 4.59
CA ASP A 15 2.77 -6.64 3.76
C ASP A 15 3.21 -7.82 4.64
N VAL A 16 2.22 -8.62 5.01
CA VAL A 16 2.49 -9.78 5.85
C VAL A 16 2.24 -11.05 5.05
N ASP A 17 1.31 -10.95 4.11
CA ASP A 17 0.96 -12.08 3.27
C ASP A 17 2.24 -12.85 2.89
N GLY A 18 3.22 -12.09 2.43
CA GLY A 18 4.49 -12.68 2.05
C GLY A 18 4.66 -12.65 0.52
N ASP A 19 4.45 -11.46 -0.04
CA ASP A 19 4.58 -11.29 -1.48
C ASP A 19 5.63 -10.21 -1.76
N GLY A 20 5.56 -9.15 -0.99
CA GLY A 20 6.50 -8.05 -1.15
C GLY A 20 5.80 -6.79 -1.66
N LYS A 21 4.73 -7.02 -2.41
CA LYS A 21 3.96 -5.93 -2.97
C LYS A 21 2.75 -5.64 -2.08
N LEU A 22 2.30 -4.40 -2.11
CA LEU A 22 1.16 -3.99 -1.31
C LEU A 22 -0.11 -4.07 -2.17
N THR A 23 -0.75 -5.22 -2.10
CA THR A 23 -1.98 -5.44 -2.86
C THR A 23 -3.20 -5.06 -2.02
N LYS A 24 -4.31 -4.87 -2.71
CA LYS A 24 -5.55 -4.50 -2.05
C LYS A 24 -5.94 -5.60 -1.06
N GLU A 25 -6.15 -6.80 -1.60
CA GLU A 25 -6.52 -7.93 -0.77
C GLU A 25 -5.72 -7.93 0.54
N GLU A 26 -4.40 -7.93 0.39
CA GLU A 26 -3.52 -7.92 1.54
C GLU A 26 -3.73 -6.65 2.37
N VAL A 27 -4.06 -5.58 1.66
CA VAL A 27 -4.29 -4.30 2.31
C VAL A 27 -5.58 -4.36 3.12
N THR A 28 -6.69 -4.43 2.41
CA THR A 28 -8.00 -4.49 3.05
C THR A 28 -7.94 -5.45 4.25
N SER A 29 -7.18 -6.51 4.08
CA SER A 29 -7.04 -7.50 5.15
C SER A 29 -6.37 -6.86 6.36
N PHE A 30 -5.19 -6.32 6.15
CA PHE A 30 -4.44 -5.69 7.22
C PHE A 30 -5.08 -4.35 7.61
N PHE A 31 -5.65 -3.69 6.61
CA PHE A 31 -6.30 -2.40 6.83
C PHE A 31 -7.70 -2.58 7.43
N LYS A 32 -8.22 -3.79 7.28
CA LYS A 32 -9.54 -4.11 7.80
C LYS A 32 -9.58 -3.80 9.30
N LYS A 33 -8.39 -3.73 9.89
CA LYS A 33 -8.28 -3.44 11.31
C LYS A 33 -8.15 -1.93 11.51
N HIS A 34 -7.82 -1.26 10.42
CA HIS A 34 -7.66 0.19 10.46
C HIS A 34 -8.87 0.86 9.81
N GLY A 35 -8.59 1.76 8.88
CA GLY A 35 -9.64 2.47 8.18
C GLY A 35 -9.70 2.04 6.71
N ILE A 36 -9.65 0.74 6.52
CA ILE A 36 -9.70 0.19 5.17
C ILE A 36 -10.63 1.04 4.31
N GLU A 37 -11.67 1.55 4.95
CA GLU A 37 -12.64 2.38 4.25
C GLU A 37 -11.92 3.47 3.44
N LYS A 38 -11.36 4.42 4.17
CA LYS A 38 -10.64 5.52 3.53
C LYS A 38 -9.57 4.94 2.60
N VAL A 39 -8.93 3.88 3.06
CA VAL A 39 -7.88 3.24 2.28
C VAL A 39 -8.48 2.73 0.97
N ALA A 40 -9.69 2.21 1.06
CA ALA A 40 -10.40 1.69 -0.09
C ALA A 40 -10.56 2.80 -1.13
N GLU A 41 -11.02 3.95 -0.65
CA GLU A 41 -11.23 5.09 -1.52
C GLU A 41 -9.90 5.60 -2.06
N GLN A 42 -8.95 5.75 -1.15
CA GLN A 42 -7.62 6.22 -1.51
C GLN A 42 -6.95 5.24 -2.47
N VAL A 43 -7.01 3.96 -2.10
CA VAL A 43 -6.41 2.92 -2.91
C VAL A 43 -7.16 2.83 -4.25
N MET A 44 -8.45 3.09 -4.17
CA MET A 44 -9.30 3.03 -5.36
C MET A 44 -8.82 4.04 -6.41
N LYS A 45 -8.56 5.25 -5.95
CA LYS A 45 -8.09 6.32 -6.83
C LYS A 45 -6.59 6.14 -7.09
N ALA A 46 -5.96 5.41 -6.19
CA ALA A 46 -4.53 5.16 -6.31
C ALA A 46 -4.29 4.08 -7.37
N ASP A 47 -4.98 2.97 -7.21
CA ASP A 47 -4.85 1.85 -8.14
C ASP A 47 -6.10 1.81 -9.04
N ALA A 48 -6.28 2.89 -9.79
CA ALA A 48 -7.42 2.98 -10.69
C ALA A 48 -6.94 2.74 -12.12
N ASN A 49 -5.78 3.33 -12.43
CA ASN A 49 -5.21 3.18 -13.76
C ASN A 49 -5.13 1.70 -14.13
N GLY A 50 -5.14 0.87 -13.08
CA GLY A 50 -5.07 -0.57 -13.28
C GLY A 50 -5.70 -1.32 -12.11
N ASP A 51 -4.88 -2.12 -11.44
CA ASP A 51 -5.33 -2.89 -10.31
C ASP A 51 -4.23 -3.85 -9.85
N GLY A 52 -3.10 -3.26 -9.47
CA GLY A 52 -1.96 -4.03 -9.02
C GLY A 52 -1.70 -3.79 -7.54
N TYR A 53 -0.42 -3.89 -7.17
CA TYR A 53 -0.01 -3.69 -5.79
C TYR A 53 1.05 -2.60 -5.70
N ILE A 54 1.30 -2.17 -4.47
CA ILE A 54 2.29 -1.13 -4.22
C ILE A 54 3.59 -1.79 -3.77
N THR A 55 4.54 -1.84 -4.70
CA THR A 55 5.84 -2.43 -4.41
C THR A 55 6.84 -1.35 -3.99
N LEU A 56 7.59 -1.68 -2.94
CA LEU A 56 8.59 -0.74 -2.43
C LEU A 56 9.29 -0.06 -3.60
N GLU A 57 9.66 -0.87 -4.58
CA GLU A 57 10.34 -0.35 -5.76
C GLU A 57 9.50 0.74 -6.42
N GLU A 58 8.21 0.45 -6.55
CA GLU A 58 7.29 1.39 -7.16
C GLU A 58 6.92 2.49 -6.17
N PHE A 59 6.69 2.07 -4.94
CA PHE A 59 6.32 3.01 -3.89
C PHE A 59 7.38 4.11 -3.74
N LEU A 60 8.62 3.72 -3.93
CA LEU A 60 9.73 4.65 -3.82
C LEU A 60 9.84 5.45 -5.12
N GLU A 61 9.90 4.72 -6.22
CA GLU A 61 10.01 5.34 -7.53
C GLU A 61 8.98 6.47 -7.66
N PHE A 62 7.80 6.22 -7.12
CA PHE A 62 6.73 7.20 -7.18
C PHE A 62 6.94 8.31 -6.14
N SER A 63 7.61 7.94 -5.07
CA SER A 63 7.90 8.89 -4.00
C SER A 63 8.95 9.89 -4.45
N LEU A 64 9.75 9.47 -5.44
CA LEU A 64 10.80 10.31 -5.96
C LEU A 64 10.19 11.36 -6.90
LA LA B . 1.77 -9.23 -0.18
N SER A 1 13.96 8.78 0.59
CA SER A 1 12.66 9.41 0.66
C SER A 1 12.13 9.36 2.10
N ASP A 2 12.61 10.31 2.90
CA ASP A 2 12.19 10.37 4.29
C ASP A 2 10.69 10.58 4.37
N ASP A 3 10.19 11.41 3.45
CA ASP A 3 8.76 11.69 3.41
C ASP A 3 8.02 10.50 2.81
N LYS A 4 8.29 9.33 3.39
CA LYS A 4 7.66 8.10 2.92
C LYS A 4 8.20 6.92 3.74
N ILE A 5 9.48 7.02 4.09
CA ILE A 5 10.12 5.97 4.87
C ILE A 5 9.14 5.46 5.92
N GLY A 6 8.29 6.35 6.38
CA GLY A 6 7.30 5.99 7.39
C GLY A 6 6.22 5.09 6.79
N LEU A 7 5.42 5.67 5.91
CA LEU A 7 4.34 4.93 5.27
C LEU A 7 4.89 3.58 4.77
N LYS A 8 6.14 3.61 4.34
CA LYS A 8 6.78 2.40 3.84
C LYS A 8 7.01 1.44 5.00
N VAL A 9 7.49 1.99 6.10
CA VAL A 9 7.76 1.20 7.28
C VAL A 9 6.52 0.39 7.65
N LEU A 10 5.41 1.10 7.76
CA LEU A 10 4.14 0.47 8.10
C LEU A 10 3.80 -0.59 7.05
N TYR A 11 3.51 -0.10 5.85
CA TYR A 11 3.17 -1.00 4.75
C TYR A 11 4.13 -2.19 4.69
N LYS A 12 5.41 -1.88 4.76
CA LYS A 12 6.43 -2.91 4.72
C LYS A 12 6.19 -3.91 5.85
N LEU A 13 5.74 -3.38 6.98
CA LEU A 13 5.46 -4.20 8.15
C LEU A 13 4.10 -4.88 7.97
N MET A 14 3.26 -4.25 7.16
CA MET A 14 1.93 -4.79 6.90
C MET A 14 1.99 -5.97 5.93
N ASP A 15 2.85 -5.84 4.94
CA ASP A 15 3.01 -6.89 3.95
C ASP A 15 2.95 -8.26 4.64
N VAL A 16 1.78 -8.86 4.59
CA VAL A 16 1.58 -10.16 5.20
C VAL A 16 0.97 -11.11 4.18
N ASP A 17 1.85 -11.85 3.51
CA ASP A 17 1.42 -12.81 2.50
C ASP A 17 2.62 -13.60 2.00
N GLY A 18 3.55 -12.87 1.41
CA GLY A 18 4.77 -13.48 0.88
C GLY A 18 5.06 -12.97 -0.53
N ASP A 19 5.41 -11.69 -0.60
CA ASP A 19 5.74 -11.08 -1.88
C ASP A 19 6.50 -9.77 -1.63
N GLY A 20 5.93 -8.95 -0.74
CA GLY A 20 6.55 -7.68 -0.41
C GLY A 20 5.78 -6.52 -1.05
N LYS A 21 4.76 -6.88 -1.81
CA LYS A 21 3.95 -5.88 -2.49
C LYS A 21 2.68 -5.61 -1.66
N LEU A 22 2.23 -4.37 -1.74
CA LEU A 22 1.04 -3.97 -1.00
C LEU A 22 -0.19 -4.09 -1.92
N THR A 23 -0.83 -5.24 -1.85
CA THR A 23 -2.01 -5.49 -2.66
C THR A 23 -3.27 -5.13 -1.88
N LYS A 24 -4.37 -4.98 -2.62
CA LYS A 24 -5.64 -4.65 -2.02
C LYS A 24 -5.98 -5.69 -0.94
N GLU A 25 -6.23 -6.91 -1.42
CA GLU A 25 -6.56 -8.00 -0.52
C GLU A 25 -5.71 -7.92 0.76
N GLU A 26 -4.40 -7.84 0.55
CA GLU A 26 -3.47 -7.76 1.66
C GLU A 26 -3.71 -6.48 2.47
N VAL A 27 -4.06 -5.42 1.74
CA VAL A 27 -4.32 -4.15 2.37
C VAL A 27 -5.62 -4.22 3.18
N THR A 28 -6.72 -4.29 2.46
CA THR A 28 -8.03 -4.38 3.09
C THR A 28 -8.01 -5.42 4.22
N SER A 29 -7.17 -6.43 4.03
CA SER A 29 -7.04 -7.49 5.02
C SER A 29 -6.44 -6.93 6.31
N PHE A 30 -5.29 -6.30 6.16
CA PHE A 30 -4.60 -5.72 7.30
C PHE A 30 -5.24 -4.41 7.73
N PHE A 31 -5.80 -3.70 6.74
CA PHE A 31 -6.45 -2.44 6.99
C PHE A 31 -7.86 -2.65 7.53
N LYS A 32 -8.38 -3.84 7.31
CA LYS A 32 -9.71 -4.18 7.77
C LYS A 32 -9.85 -3.79 9.24
N LYS A 33 -8.72 -3.72 9.91
CA LYS A 33 -8.70 -3.36 11.33
C LYS A 33 -8.77 -1.84 11.46
N HIS A 34 -8.13 -1.17 10.51
CA HIS A 34 -8.11 0.29 10.51
C HIS A 34 -9.33 0.82 9.77
N GLY A 35 -9.07 1.71 8.81
CA GLY A 35 -10.13 2.30 8.02
C GLY A 35 -9.93 2.00 6.53
N ILE A 36 -9.67 0.73 6.24
CA ILE A 36 -9.46 0.30 4.87
C ILE A 36 -10.27 1.20 3.94
N GLU A 37 -11.53 1.41 4.30
CA GLU A 37 -12.41 2.23 3.50
C GLU A 37 -11.63 3.39 2.87
N LYS A 38 -11.15 4.27 3.73
CA LYS A 38 -10.39 5.43 3.27
C LYS A 38 -9.31 4.95 2.29
N VAL A 39 -8.34 4.24 2.84
CA VAL A 39 -7.24 3.73 2.03
C VAL A 39 -7.81 3.13 0.74
N ALA A 40 -9.02 2.61 0.84
CA ALA A 40 -9.68 2.00 -0.30
C ALA A 40 -9.85 3.05 -1.40
N GLU A 41 -10.42 4.18 -1.01
CA GLU A 41 -10.64 5.27 -1.95
C GLU A 41 -9.31 5.76 -2.52
N GLN A 42 -8.37 5.97 -1.62
CA GLN A 42 -7.05 6.44 -2.02
C GLN A 42 -6.37 5.41 -2.92
N VAL A 43 -6.45 4.16 -2.50
CA VAL A 43 -5.86 3.08 -3.25
C VAL A 43 -6.57 2.94 -4.60
N MET A 44 -7.87 3.21 -4.57
CA MET A 44 -8.67 3.12 -5.78
C MET A 44 -8.19 4.13 -6.83
N LYS A 45 -7.93 5.34 -6.37
CA LYS A 45 -7.47 6.39 -7.25
C LYS A 45 -5.98 6.19 -7.56
N ALA A 46 -5.32 5.47 -6.66
CA ALA A 46 -3.90 5.20 -6.82
C ALA A 46 -3.72 4.04 -7.80
N ASP A 47 -4.46 2.97 -7.56
CA ASP A 47 -4.39 1.80 -8.42
C ASP A 47 -5.67 1.71 -9.26
N ALA A 48 -5.89 2.76 -10.04
CA ALA A 48 -7.06 2.82 -10.89
C ALA A 48 -6.66 2.47 -12.33
N ASN A 49 -5.51 2.99 -12.74
CA ASN A 49 -5.00 2.72 -14.07
C ASN A 49 -4.94 1.22 -14.30
N GLY A 50 -4.93 0.48 -13.20
CA GLY A 50 -4.86 -0.97 -13.27
C GLY A 50 -5.52 -1.60 -12.04
N ASP A 51 -4.72 -2.44 -11.38
CA ASP A 51 -5.21 -3.12 -10.17
C ASP A 51 -4.12 -4.05 -9.66
N GLY A 52 -2.96 -3.46 -9.37
CA GLY A 52 -1.83 -4.22 -8.88
C GLY A 52 -1.61 -3.95 -7.38
N TYR A 53 -0.36 -4.01 -6.98
CA TYR A 53 0.00 -3.78 -5.59
C TYR A 53 1.05 -2.68 -5.47
N ILE A 54 1.25 -2.22 -4.24
CA ILE A 54 2.22 -1.17 -3.97
C ILE A 54 3.52 -1.80 -3.48
N THR A 55 4.49 -1.89 -4.38
CA THR A 55 5.77 -2.46 -4.06
C THR A 55 6.77 -1.36 -3.70
N LEU A 56 7.52 -1.61 -2.62
CA LEU A 56 8.51 -0.65 -2.17
C LEU A 56 9.19 0.00 -3.38
N GLU A 57 9.51 -0.84 -4.36
CA GLU A 57 10.16 -0.37 -5.57
C GLU A 57 9.30 0.70 -6.24
N GLU A 58 8.02 0.37 -6.41
CA GLU A 58 7.08 1.28 -7.04
C GLU A 58 6.69 2.40 -6.07
N PHE A 59 6.39 1.98 -4.84
CA PHE A 59 5.99 2.92 -3.81
C PHE A 59 6.96 4.10 -3.75
N LEU A 60 8.24 3.78 -3.85
CA LEU A 60 9.27 4.80 -3.80
C LEU A 60 9.37 5.48 -5.16
N GLU A 61 9.73 4.69 -6.16
CA GLU A 61 9.87 5.21 -7.51
C GLU A 61 8.66 6.08 -7.87
N PHE A 62 7.54 5.75 -7.25
CA PHE A 62 6.31 6.50 -7.50
C PHE A 62 6.30 7.81 -6.71
N SER A 63 6.90 7.75 -5.52
CA SER A 63 6.95 8.92 -4.66
C SER A 63 7.94 9.94 -5.23
N LEU A 64 9.12 9.46 -5.56
CA LEU A 64 10.15 10.31 -6.12
C LEU A 64 9.87 10.55 -7.60
LA LA B . 1.75 -9.26 0.16
N SER A 1 12.93 8.23 0.49
CA SER A 1 12.21 9.47 0.70
C SER A 1 11.51 9.46 2.07
N ASP A 2 11.92 10.40 2.91
CA ASP A 2 11.34 10.50 4.24
C ASP A 2 9.82 10.64 4.13
N ASP A 3 9.40 11.33 3.10
CA ASP A 3 7.98 11.55 2.87
C ASP A 3 7.37 10.27 2.30
N LYS A 4 7.60 9.18 3.01
CA LYS A 4 7.07 7.89 2.60
C LYS A 4 7.64 6.79 3.51
N ILE A 5 8.87 7.01 3.94
CA ILE A 5 9.54 6.06 4.82
C ILE A 5 8.53 5.53 5.85
N GLY A 6 7.63 6.42 6.26
CA GLY A 6 6.61 6.05 7.23
C GLY A 6 5.59 5.09 6.62
N LEU A 7 4.89 5.59 5.62
CA LEU A 7 3.88 4.79 4.93
C LEU A 7 4.50 3.47 4.49
N LYS A 8 5.77 3.53 4.14
CA LYS A 8 6.48 2.34 3.70
C LYS A 8 6.69 1.41 4.89
N VAL A 9 7.03 2.01 6.02
CA VAL A 9 7.26 1.24 7.23
C VAL A 9 6.02 0.40 7.54
N LEU A 10 4.87 1.07 7.57
CA LEU A 10 3.62 0.40 7.86
C LEU A 10 3.34 -0.63 6.76
N TYR A 11 3.44 -0.18 5.53
CA TYR A 11 3.21 -1.05 4.39
C TYR A 11 4.12 -2.27 4.43
N LYS A 12 5.41 -2.00 4.56
CA LYS A 12 6.40 -3.06 4.61
C LYS A 12 6.06 -4.01 5.76
N LEU A 13 5.51 -3.43 6.82
CA LEU A 13 5.12 -4.21 7.99
C LEU A 13 3.79 -4.90 7.72
N MET A 14 2.99 -4.26 6.88
CA MET A 14 1.68 -4.78 6.54
C MET A 14 1.81 -6.05 5.67
N ASP A 15 2.62 -5.93 4.64
CA ASP A 15 2.83 -7.05 3.73
C ASP A 15 3.13 -8.31 4.54
N VAL A 16 2.08 -9.07 4.80
CA VAL A 16 2.19 -10.29 5.56
C VAL A 16 1.82 -11.48 4.68
N ASP A 17 0.85 -11.25 3.81
CA ASP A 17 0.40 -12.28 2.90
C ASP A 17 1.60 -13.07 2.38
N GLY A 18 2.60 -12.33 1.95
CA GLY A 18 3.82 -12.95 1.43
C GLY A 18 3.97 -12.70 -0.07
N ASP A 19 4.62 -11.58 -0.38
CA ASP A 19 4.85 -11.22 -1.77
C ASP A 19 5.87 -10.08 -1.84
N GLY A 20 5.66 -9.08 -1.01
CA GLY A 20 6.54 -7.94 -0.96
C GLY A 20 5.85 -6.67 -1.50
N LYS A 21 4.82 -6.91 -2.29
CA LYS A 21 4.07 -5.80 -2.87
C LYS A 21 2.83 -5.53 -2.02
N LEU A 22 2.37 -4.29 -2.07
CA LEU A 22 1.20 -3.90 -1.31
C LEU A 22 -0.03 -3.97 -2.21
N THR A 23 -0.69 -5.12 -2.18
CA THR A 23 -1.88 -5.33 -2.99
C THR A 23 -3.13 -4.95 -2.19
N LYS A 24 -4.22 -4.76 -2.94
CA LYS A 24 -5.49 -4.39 -2.31
C LYS A 24 -5.90 -5.48 -1.32
N GLU A 25 -6.13 -6.67 -1.85
CA GLU A 25 -6.52 -7.79 -1.02
C GLU A 25 -5.73 -7.79 0.29
N GLU A 26 -4.41 -7.80 0.15
CA GLU A 26 -3.54 -7.80 1.32
C GLU A 26 -3.77 -6.54 2.15
N VAL A 27 -4.07 -5.45 1.45
CA VAL A 27 -4.32 -4.18 2.12
C VAL A 27 -5.65 -4.25 2.86
N THR A 28 -6.73 -4.25 2.08
CA THR A 28 -8.06 -4.31 2.65
C THR A 28 -8.08 -5.24 3.87
N SER A 29 -7.34 -6.33 3.75
CA SER A 29 -7.27 -7.31 4.82
C SER A 29 -6.61 -6.68 6.05
N PHE A 30 -5.34 -6.34 5.89
CA PHE A 30 -4.59 -5.74 6.97
C PHE A 30 -5.21 -4.40 7.40
N PHE A 31 -5.79 -3.71 6.43
CA PHE A 31 -6.43 -2.43 6.68
C PHE A 31 -7.83 -2.63 7.25
N LYS A 32 -8.36 -3.82 7.03
CA LYS A 32 -9.70 -4.15 7.50
C LYS A 32 -9.90 -3.56 8.90
N LYS A 33 -8.80 -3.50 9.64
CA LYS A 33 -8.83 -2.96 10.99
C LYS A 33 -8.61 -1.44 10.94
N HIS A 34 -7.62 -1.05 10.15
CA HIS A 34 -7.29 0.36 10.00
C HIS A 34 -8.49 1.11 9.42
N GLY A 35 -8.25 1.75 8.29
CA GLY A 35 -9.30 2.51 7.62
C GLY A 35 -9.59 1.94 6.23
N ILE A 36 -9.69 0.62 6.18
CA ILE A 36 -9.96 -0.06 4.92
C ILE A 36 -10.91 0.79 4.07
N GLU A 37 -11.80 1.49 4.76
CA GLU A 37 -12.75 2.36 4.09
C GLU A 37 -12.03 3.51 3.40
N LYS A 38 -11.53 4.43 4.22
CA LYS A 38 -10.82 5.58 3.70
C LYS A 38 -9.66 5.11 2.81
N VAL A 39 -9.08 3.99 3.19
CA VAL A 39 -7.98 3.41 2.44
C VAL A 39 -8.50 2.85 1.12
N ALA A 40 -9.69 2.24 1.20
CA ALA A 40 -10.31 1.66 0.03
C ALA A 40 -10.46 2.73 -1.05
N GLU A 41 -10.88 3.90 -0.62
CA GLU A 41 -11.07 5.02 -1.54
C GLU A 41 -9.72 5.52 -2.05
N GLN A 42 -8.82 5.74 -1.11
CA GLN A 42 -7.49 6.22 -1.44
C GLN A 42 -6.76 5.20 -2.32
N VAL A 43 -6.98 3.93 -2.01
CA VAL A 43 -6.36 2.86 -2.75
C VAL A 43 -6.93 2.83 -4.17
N MET A 44 -8.25 2.89 -4.24
CA MET A 44 -8.93 2.87 -5.53
C MET A 44 -8.44 3.99 -6.42
N LYS A 45 -8.20 5.15 -5.81
CA LYS A 45 -7.72 6.30 -6.55
C LYS A 45 -6.21 6.17 -6.79
N ALA A 46 -5.58 5.38 -5.93
CA ALA A 46 -4.15 5.16 -6.03
C ALA A 46 -3.87 4.16 -7.15
N ASP A 47 -4.60 3.05 -7.10
CA ASP A 47 -4.45 2.01 -8.11
C ASP A 47 -5.33 2.33 -9.31
N ALA A 48 -5.24 3.57 -9.76
CA ALA A 48 -6.01 4.01 -10.90
C ALA A 48 -5.15 3.97 -12.16
N ASN A 49 -5.03 2.77 -12.72
CA ASN A 49 -4.24 2.58 -13.92
C ASN A 49 -4.47 1.17 -14.46
N GLY A 50 -4.52 0.22 -13.53
CA GLY A 50 -4.74 -1.18 -13.90
C GLY A 50 -5.30 -1.98 -12.73
N ASP A 51 -4.39 -2.48 -11.91
CA ASP A 51 -4.77 -3.26 -10.75
C ASP A 51 -3.58 -4.11 -10.28
N GLY A 52 -2.64 -3.43 -9.63
CA GLY A 52 -1.46 -4.10 -9.13
C GLY A 52 -1.29 -3.87 -7.62
N TYR A 53 -0.04 -3.78 -7.21
CA TYR A 53 0.27 -3.56 -5.80
C TYR A 53 1.32 -2.46 -5.63
N ILE A 54 1.48 -2.02 -4.39
CA ILE A 54 2.44 -0.97 -4.09
C ILE A 54 3.73 -1.61 -3.56
N THR A 55 4.73 -1.66 -4.44
CA THR A 55 6.01 -2.23 -4.08
C THR A 55 6.97 -1.14 -3.61
N LEU A 56 7.64 -1.43 -2.51
CA LEU A 56 8.60 -0.49 -1.93
C LEU A 56 9.36 0.20 -3.06
N GLU A 57 9.83 -0.61 -4.00
CA GLU A 57 10.57 -0.09 -5.13
C GLU A 57 9.76 0.99 -5.86
N GLU A 58 8.49 0.67 -6.09
CA GLU A 58 7.60 1.59 -6.77
C GLU A 58 7.18 2.71 -5.82
N PHE A 59 6.92 2.32 -4.58
CA PHE A 59 6.49 3.28 -3.57
C PHE A 59 7.47 4.46 -3.50
N LEU A 60 8.75 4.14 -3.54
CA LEU A 60 9.78 5.16 -3.48
C LEU A 60 9.95 5.79 -4.87
N GLU A 61 10.26 4.94 -5.83
CA GLU A 61 10.45 5.40 -7.20
C GLU A 61 9.31 6.33 -7.62
N PHE A 62 8.12 5.99 -7.14
CA PHE A 62 6.94 6.79 -7.45
C PHE A 62 7.02 8.17 -6.81
N SER A 63 7.67 8.20 -5.66
CA SER A 63 7.83 9.46 -4.93
C SER A 63 8.98 10.27 -5.52
N LEU A 64 10.00 9.56 -5.98
CA LEU A 64 11.16 10.20 -6.58
C LEU A 64 10.71 11.04 -7.77
LA LA B . 1.82 -9.26 -0.35
N SER A 1 13.78 6.09 2.39
CA SER A 1 13.72 7.46 1.94
C SER A 1 12.61 8.22 2.68
N ASP A 2 13.04 9.20 3.47
CA ASP A 2 12.09 10.00 4.23
C ASP A 2 10.90 10.36 3.35
N ASP A 3 11.17 10.43 2.05
CA ASP A 3 10.14 10.76 1.09
C ASP A 3 8.85 10.00 1.44
N LYS A 4 9.05 8.75 1.86
CA LYS A 4 7.93 7.91 2.21
C LYS A 4 8.42 6.76 3.09
N ILE A 5 9.46 7.05 3.86
CA ILE A 5 10.04 6.06 4.75
C ILE A 5 9.01 5.65 5.80
N GLY A 6 8.12 6.60 6.10
CA GLY A 6 7.08 6.36 7.08
C GLY A 6 6.05 5.36 6.56
N LEU A 7 5.27 5.83 5.59
CA LEU A 7 4.24 4.99 4.99
C LEU A 7 4.87 3.68 4.49
N LYS A 8 6.07 3.83 3.94
CA LYS A 8 6.79 2.66 3.43
C LYS A 8 7.04 1.67 4.57
N VAL A 9 7.53 2.21 5.67
CA VAL A 9 7.81 1.38 6.84
C VAL A 9 6.57 0.58 7.20
N LEU A 10 5.46 1.29 7.38
CA LEU A 10 4.21 0.65 7.73
C LEU A 10 3.86 -0.39 6.66
N TYR A 11 3.62 0.09 5.46
CA TYR A 11 3.28 -0.78 4.35
C TYR A 11 4.18 -2.02 4.33
N LYS A 12 5.49 -1.76 4.40
CA LYS A 12 6.46 -2.84 4.38
C LYS A 12 6.20 -3.77 5.57
N LEU A 13 5.75 -3.17 6.66
CA LEU A 13 5.46 -3.93 7.87
C LEU A 13 4.20 -4.75 7.65
N MET A 14 3.08 -4.05 7.58
CA MET A 14 1.79 -4.71 7.37
C MET A 14 1.86 -5.71 6.21
N ASP A 15 2.50 -5.27 5.14
CA ASP A 15 2.65 -6.11 3.96
C ASP A 15 2.98 -7.54 4.40
N VAL A 16 1.94 -8.35 4.45
CA VAL A 16 2.11 -9.74 4.85
C VAL A 16 1.85 -10.64 3.64
N ASP A 17 0.60 -10.69 3.23
CA ASP A 17 0.22 -11.50 2.09
C ASP A 17 1.20 -11.27 0.94
N GLY A 18 1.25 -10.03 0.49
CA GLY A 18 2.14 -9.66 -0.60
C GLY A 18 3.59 -9.99 -0.25
N ASP A 19 3.91 -9.85 1.02
CA ASP A 19 5.26 -10.14 1.50
C ASP A 19 6.27 -9.44 0.58
N GLY A 20 5.80 -8.38 -0.07
CA GLY A 20 6.65 -7.63 -0.97
C GLY A 20 5.91 -6.41 -1.53
N LYS A 21 4.89 -6.68 -2.33
CA LYS A 21 4.10 -5.62 -2.92
C LYS A 21 2.84 -5.39 -2.08
N LEU A 22 2.36 -4.16 -2.12
CA LEU A 22 1.17 -3.80 -1.37
C LEU A 22 -0.05 -3.90 -2.28
N THR A 23 -0.68 -5.07 -2.24
CA THR A 23 -1.86 -5.31 -3.06
C THR A 23 -3.13 -4.97 -2.27
N LYS A 24 -4.21 -4.80 -3.01
CA LYS A 24 -5.49 -4.46 -2.40
C LYS A 24 -5.83 -5.52 -1.35
N GLU A 25 -6.08 -6.73 -1.82
CA GLU A 25 -6.42 -7.83 -0.94
C GLU A 25 -5.56 -7.77 0.33
N GLU A 26 -4.26 -7.62 0.13
CA GLU A 26 -3.33 -7.55 1.24
C GLU A 26 -3.63 -6.33 2.11
N VAL A 27 -3.93 -5.23 1.45
CA VAL A 27 -4.24 -3.99 2.14
C VAL A 27 -5.55 -4.16 2.91
N THR A 28 -6.64 -4.24 2.16
CA THR A 28 -7.95 -4.40 2.76
C THR A 28 -7.91 -5.47 3.86
N SER A 29 -7.04 -6.44 3.67
CA SER A 29 -6.89 -7.52 4.63
C SER A 29 -6.33 -6.97 5.94
N PHE A 30 -5.18 -6.32 5.83
CA PHE A 30 -4.53 -5.74 7.00
C PHE A 30 -5.24 -4.46 7.43
N PHE A 31 -5.75 -3.73 6.45
CA PHE A 31 -6.45 -2.49 6.73
C PHE A 31 -7.89 -2.75 7.17
N LYS A 32 -8.36 -3.95 6.86
CA LYS A 32 -9.71 -4.34 7.24
C LYS A 32 -10.01 -3.85 8.65
N LYS A 33 -8.95 -3.76 9.45
CA LYS A 33 -9.10 -3.30 10.82
C LYS A 33 -8.86 -1.79 10.88
N HIS A 34 -7.87 -1.34 10.12
CA HIS A 34 -7.53 0.07 10.08
C HIS A 34 -8.68 0.85 9.43
N GLY A 35 -8.33 1.62 8.41
CA GLY A 35 -9.31 2.42 7.70
C GLY A 35 -9.56 1.85 6.30
N ILE A 36 -9.68 0.53 6.25
CA ILE A 36 -9.93 -0.15 4.98
C ILE A 36 -10.85 0.72 4.11
N GLU A 37 -11.75 1.42 4.78
CA GLU A 37 -12.68 2.28 4.09
C GLU A 37 -11.94 3.44 3.41
N LYS A 38 -11.44 4.34 4.23
CA LYS A 38 -10.70 5.49 3.73
C LYS A 38 -9.53 5.01 2.88
N VAL A 39 -8.96 3.88 3.30
CA VAL A 39 -7.84 3.31 2.59
C VAL A 39 -8.31 2.77 1.23
N ALA A 40 -9.45 2.09 1.26
CA ALA A 40 -10.01 1.52 0.05
C ALA A 40 -10.16 2.62 -1.00
N GLU A 41 -10.56 3.79 -0.53
CA GLU A 41 -10.75 4.94 -1.41
C GLU A 41 -9.39 5.44 -1.91
N GLN A 42 -8.48 5.60 -0.96
CA GLN A 42 -7.15 6.09 -1.28
C GLN A 42 -6.43 5.10 -2.20
N VAL A 43 -6.47 3.84 -1.79
CA VAL A 43 -5.83 2.79 -2.57
C VAL A 43 -6.49 2.69 -3.94
N MET A 44 -7.79 2.92 -3.96
CA MET A 44 -8.55 2.87 -5.19
C MET A 44 -8.06 3.92 -6.19
N LYS A 45 -7.82 5.12 -5.67
CA LYS A 45 -7.34 6.21 -6.49
C LYS A 45 -5.85 6.04 -6.74
N ALA A 46 -5.22 5.26 -5.87
CA ALA A 46 -3.79 5.01 -5.99
C ALA A 46 -3.54 3.97 -7.09
N ASP A 47 -4.26 2.86 -6.98
CA ASP A 47 -4.12 1.79 -7.97
C ASP A 47 -5.02 2.09 -9.16
N ALA A 48 -4.87 3.29 -9.69
CA ALA A 48 -5.66 3.72 -10.83
C ALA A 48 -4.94 3.33 -12.13
N ASN A 49 -4.48 2.09 -12.15
CA ASN A 49 -3.76 1.58 -13.32
C ASN A 49 -4.54 0.39 -13.90
N GLY A 50 -5.05 -0.44 -13.01
CA GLY A 50 -5.81 -1.61 -13.42
C GLY A 50 -6.15 -2.49 -12.22
N ASP A 51 -5.10 -2.94 -11.54
CA ASP A 51 -5.27 -3.79 -10.38
C ASP A 51 -3.92 -4.42 -10.02
N GLY A 52 -3.00 -3.57 -9.57
CA GLY A 52 -1.69 -4.02 -9.18
C GLY A 52 -1.47 -3.89 -7.68
N TYR A 53 -0.25 -3.55 -7.31
CA TYR A 53 0.10 -3.39 -5.91
C TYR A 53 1.13 -2.27 -5.72
N ILE A 54 1.29 -1.86 -4.47
CA ILE A 54 2.23 -0.80 -4.15
C ILE A 54 3.53 -1.43 -3.64
N THR A 55 4.52 -1.46 -4.52
CA THR A 55 5.81 -2.02 -4.18
C THR A 55 6.79 -0.92 -3.76
N LEU A 56 7.63 -1.26 -2.79
CA LEU A 56 8.60 -0.32 -2.28
C LEU A 56 9.20 0.47 -3.44
N GLU A 57 9.46 -0.25 -4.53
CA GLU A 57 10.03 0.37 -5.71
C GLU A 57 9.06 1.39 -6.30
N GLU A 58 7.80 0.99 -6.39
CA GLU A 58 6.77 1.86 -6.93
C GLU A 58 6.40 2.93 -5.91
N PHE A 59 6.49 2.57 -4.63
CA PHE A 59 6.17 3.49 -3.56
C PHE A 59 7.14 4.67 -3.54
N LEU A 60 8.41 4.36 -3.82
CA LEU A 60 9.44 5.38 -3.84
C LEU A 60 9.38 6.13 -5.17
N GLU A 61 9.13 5.37 -6.23
CA GLU A 61 9.04 5.95 -7.56
C GLU A 61 7.95 7.01 -7.61
N PHE A 62 6.87 6.74 -6.88
CA PHE A 62 5.75 7.66 -6.84
C PHE A 62 6.02 8.81 -5.86
N SER A 63 6.60 8.46 -4.73
CA SER A 63 6.93 9.45 -3.72
C SER A 63 7.94 10.47 -4.28
N LEU A 64 8.69 10.01 -5.26
CA LEU A 64 9.70 10.86 -5.88
C LEU A 64 9.01 11.83 -6.85
LA LA B . 2.19 -8.98 -0.12
N SER A 1 13.72 5.97 2.34
CA SER A 1 13.65 7.40 2.07
C SER A 1 12.78 8.09 3.12
N ASP A 2 13.46 8.77 4.04
CA ASP A 2 12.77 9.48 5.09
C ASP A 2 11.52 10.17 4.52
N ASP A 3 11.61 10.51 3.24
CA ASP A 3 10.51 11.17 2.56
C ASP A 3 9.21 10.42 2.87
N LYS A 4 9.21 9.13 2.53
CA LYS A 4 8.05 8.30 2.76
C LYS A 4 8.48 7.01 3.48
N ILE A 5 9.52 7.15 4.28
CA ILE A 5 10.05 6.02 5.02
C ILE A 5 8.99 5.53 6.02
N GLY A 6 8.26 6.50 6.56
CA GLY A 6 7.22 6.19 7.54
C GLY A 6 6.14 5.30 6.91
N LEU A 7 5.50 5.84 5.88
CA LEU A 7 4.45 5.11 5.19
C LEU A 7 4.99 3.76 4.72
N LYS A 8 6.25 3.78 4.31
CA LYS A 8 6.90 2.58 3.82
C LYS A 8 7.03 1.58 4.97
N VAL A 9 7.32 2.11 6.15
CA VAL A 9 7.47 1.28 7.34
C VAL A 9 6.16 0.53 7.60
N LEU A 10 5.10 1.31 7.78
CA LEU A 10 3.79 0.74 8.04
C LEU A 10 3.47 -0.30 6.97
N TYR A 11 3.49 0.16 5.72
CA TYR A 11 3.21 -0.72 4.60
C TYR A 11 4.13 -1.95 4.61
N LYS A 12 5.41 -1.68 4.77
CA LYS A 12 6.40 -2.75 4.81
C LYS A 12 6.04 -3.74 5.91
N LEU A 13 5.49 -3.18 6.99
CA LEU A 13 5.11 -4.00 8.12
C LEU A 13 3.74 -4.64 7.85
N MET A 14 2.98 -3.99 6.99
CA MET A 14 1.66 -4.49 6.62
C MET A 14 1.78 -5.73 5.73
N ASP A 15 2.66 -5.63 4.74
CA ASP A 15 2.87 -6.73 3.81
C ASP A 15 3.05 -8.02 4.60
N VAL A 16 1.94 -8.74 4.78
CA VAL A 16 1.97 -10.00 5.50
C VAL A 16 1.70 -11.15 4.54
N ASP A 17 0.97 -10.82 3.47
CA ASP A 17 0.64 -11.82 2.47
C ASP A 17 1.85 -12.72 2.21
N GLY A 18 2.75 -12.22 1.38
CA GLY A 18 3.96 -12.97 1.05
C GLY A 18 4.44 -12.64 -0.36
N ASP A 19 4.90 -11.41 -0.52
CA ASP A 19 5.38 -10.96 -1.83
C ASP A 19 6.25 -9.72 -1.63
N GLY A 20 5.76 -8.81 -0.80
CA GLY A 20 6.47 -7.58 -0.53
C GLY A 20 5.75 -6.38 -1.13
N LYS A 21 4.72 -6.69 -1.91
CA LYS A 21 3.94 -5.63 -2.55
C LYS A 21 2.69 -5.35 -1.72
N LEU A 22 2.24 -4.10 -1.77
CA LEU A 22 1.07 -3.70 -1.02
C LEU A 22 -0.16 -3.75 -1.95
N THR A 23 -0.81 -4.91 -1.94
CA THR A 23 -1.99 -5.10 -2.77
C THR A 23 -3.26 -4.76 -1.98
N LYS A 24 -4.34 -4.55 -2.72
CA LYS A 24 -5.61 -4.22 -2.10
C LYS A 24 -5.99 -5.33 -1.11
N GLU A 25 -6.26 -6.50 -1.67
CA GLU A 25 -6.63 -7.64 -0.86
C GLU A 25 -5.81 -7.68 0.43
N GLU A 26 -4.50 -7.59 0.26
CA GLU A 26 -3.58 -7.61 1.39
C GLU A 26 -3.81 -6.38 2.27
N VAL A 27 -4.08 -5.26 1.61
CA VAL A 27 -4.32 -4.01 2.32
C VAL A 27 -5.66 -4.09 3.05
N THR A 28 -6.73 -4.08 2.27
CA THR A 28 -8.07 -4.14 2.84
C THR A 28 -8.11 -5.17 3.98
N SER A 29 -7.40 -6.27 3.76
CA SER A 29 -7.35 -7.33 4.76
C SER A 29 -6.74 -6.81 6.05
N PHE A 30 -5.53 -6.29 5.94
CA PHE A 30 -4.82 -5.76 7.10
C PHE A 30 -5.46 -4.45 7.55
N PHE A 31 -5.96 -3.69 6.59
CA PHE A 31 -6.59 -2.42 6.88
C PHE A 31 -8.00 -2.62 7.43
N LYS A 32 -8.53 -3.80 7.18
CA LYS A 32 -9.87 -4.13 7.64
C LYS A 32 -10.01 -3.77 9.11
N LYS A 33 -8.90 -3.91 9.82
CA LYS A 33 -8.88 -3.60 11.25
C LYS A 33 -8.99 -2.08 11.43
N HIS A 34 -8.40 -1.35 10.50
CA HIS A 34 -8.42 0.09 10.54
C HIS A 34 -9.66 0.61 9.81
N GLY A 35 -9.46 1.67 9.03
CA GLY A 35 -10.55 2.26 8.28
C GLY A 35 -10.35 2.06 6.78
N ILE A 36 -10.07 0.81 6.41
CA ILE A 36 -9.85 0.48 5.02
C ILE A 36 -10.68 1.42 4.13
N GLU A 37 -11.92 1.60 4.54
CA GLU A 37 -12.83 2.47 3.80
C GLU A 37 -12.03 3.60 3.12
N LYS A 38 -11.54 4.51 3.95
CA LYS A 38 -10.77 5.64 3.45
C LYS A 38 -9.65 5.12 2.54
N VAL A 39 -8.71 4.43 3.16
CA VAL A 39 -7.59 3.88 2.42
C VAL A 39 -8.08 3.31 1.09
N ALA A 40 -9.30 2.78 1.13
CA ALA A 40 -9.90 2.20 -0.07
C ALA A 40 -10.03 3.28 -1.14
N GLU A 41 -10.65 4.39 -0.74
CA GLU A 41 -10.86 5.50 -1.64
C GLU A 41 -9.52 5.99 -2.19
N GLN A 42 -8.56 6.14 -1.28
CA GLN A 42 -7.24 6.61 -1.66
C GLN A 42 -6.52 5.54 -2.49
N VAL A 43 -6.76 4.29 -2.11
CA VAL A 43 -6.13 3.17 -2.80
C VAL A 43 -6.76 3.02 -4.18
N MET A 44 -8.07 3.23 -4.24
CA MET A 44 -8.79 3.13 -5.49
C MET A 44 -8.32 4.19 -6.49
N LYS A 45 -8.12 5.39 -5.98
CA LYS A 45 -7.67 6.50 -6.81
C LYS A 45 -6.16 6.38 -7.02
N ALA A 46 -5.52 5.68 -6.10
CA ALA A 46 -4.08 5.49 -6.16
C ALA A 46 -3.76 4.39 -7.16
N ASP A 47 -4.44 3.26 -6.99
CA ASP A 47 -4.24 2.12 -7.87
C ASP A 47 -5.15 2.27 -9.10
N ALA A 48 -5.08 3.43 -9.72
CA ALA A 48 -5.88 3.71 -10.90
C ALA A 48 -5.07 3.35 -12.15
N ASN A 49 -4.32 2.26 -12.04
CA ASN A 49 -3.51 1.81 -13.15
C ASN A 49 -4.13 0.56 -13.76
N GLY A 50 -4.92 -0.13 -12.94
CA GLY A 50 -5.58 -1.35 -13.39
C GLY A 50 -6.00 -2.21 -12.20
N ASP A 51 -5.01 -2.57 -11.39
CA ASP A 51 -5.26 -3.39 -10.23
C ASP A 51 -3.96 -4.10 -9.83
N GLY A 52 -3.02 -3.31 -9.33
CA GLY A 52 -1.74 -3.86 -8.91
C GLY A 52 -1.55 -3.70 -7.40
N TYR A 53 -0.30 -3.47 -7.01
CA TYR A 53 0.03 -3.29 -5.61
C TYR A 53 1.09 -2.20 -5.43
N ILE A 54 1.26 -1.80 -4.17
CA ILE A 54 2.24 -0.77 -3.85
C ILE A 54 3.52 -1.43 -3.35
N THR A 55 4.50 -1.48 -4.23
CA THR A 55 5.79 -2.08 -3.90
C THR A 55 6.78 -1.00 -3.46
N LEU A 56 7.59 -1.37 -2.48
CA LEU A 56 8.60 -0.45 -1.96
C LEU A 56 9.17 0.38 -3.10
N GLU A 57 9.38 -0.29 -4.23
CA GLU A 57 9.93 0.37 -5.40
C GLU A 57 8.92 1.37 -5.97
N GLU A 58 7.70 0.89 -6.17
CA GLU A 58 6.64 1.72 -6.70
C GLU A 58 6.27 2.81 -5.69
N PHE A 59 6.28 2.43 -4.43
CA PHE A 59 5.94 3.34 -3.35
C PHE A 59 6.91 4.53 -3.33
N LEU A 60 8.19 4.22 -3.47
CA LEU A 60 9.22 5.25 -3.47
C LEU A 60 9.08 6.09 -4.74
N GLU A 61 9.36 5.45 -5.87
CA GLU A 61 9.28 6.14 -7.16
C GLU A 61 8.05 7.05 -7.19
N PHE A 62 6.98 6.56 -6.58
CA PHE A 62 5.74 7.33 -6.54
C PHE A 62 5.97 8.73 -5.98
N SER A 63 6.77 8.78 -4.92
CA SER A 63 7.08 10.05 -4.28
C SER A 63 8.15 10.79 -5.09
N LEU A 64 8.97 10.02 -5.77
CA LEU A 64 10.03 10.60 -6.58
C LEU A 64 9.44 11.14 -7.88
LA LA B . 1.81 -8.97 0.08
N SER A 1 12.47 8.01 -0.77
CA SER A 1 11.35 7.73 0.13
C SER A 1 11.78 7.99 1.58
N ASP A 2 12.74 8.88 1.72
CA ASP A 2 13.24 9.23 3.04
C ASP A 2 12.07 9.50 3.98
N ASP A 3 11.44 10.65 3.80
CA ASP A 3 10.31 11.03 4.61
C ASP A 3 9.17 10.03 4.40
N LYS A 4 9.20 9.40 3.23
CA LYS A 4 8.17 8.42 2.88
C LYS A 4 8.41 7.13 3.68
N ILE A 5 9.59 7.08 4.30
CA ILE A 5 9.95 5.91 5.09
C ILE A 5 8.72 5.42 5.86
N GLY A 6 8.20 6.29 6.70
CA GLY A 6 7.03 5.95 7.50
C GLY A 6 6.04 5.12 6.68
N LEU A 7 5.43 5.77 5.71
CA LEU A 7 4.46 5.11 4.85
C LEU A 7 5.00 3.74 4.45
N LYS A 8 6.30 3.71 4.17
CA LYS A 8 6.95 2.47 3.77
C LYS A 8 6.99 1.51 4.97
N VAL A 9 7.29 2.07 6.13
CA VAL A 9 7.37 1.28 7.34
C VAL A 9 6.07 0.48 7.51
N LEU A 10 4.97 1.22 7.64
CA LEU A 10 3.67 0.60 7.81
C LEU A 10 3.45 -0.41 6.68
N TYR A 11 3.50 0.10 5.46
CA TYR A 11 3.29 -0.75 4.29
C TYR A 11 4.17 -2.00 4.37
N LYS A 12 5.47 -1.78 4.48
CA LYS A 12 6.42 -2.88 4.57
C LYS A 12 5.98 -3.83 5.68
N LEU A 13 5.36 -3.26 6.70
CA LEU A 13 4.89 -4.04 7.82
C LEU A 13 3.56 -4.71 7.46
N MET A 14 2.83 -4.05 6.58
CA MET A 14 1.54 -4.57 6.14
C MET A 14 1.72 -5.81 5.26
N ASP A 15 2.62 -5.68 4.30
CA ASP A 15 2.89 -6.78 3.38
C ASP A 15 2.85 -8.10 4.15
N VAL A 16 1.72 -8.77 4.05
CA VAL A 16 1.54 -10.05 4.72
C VAL A 16 1.05 -11.09 3.73
N ASP A 17 2.00 -11.72 3.05
CA ASP A 17 1.67 -12.75 2.06
C ASP A 17 2.93 -13.50 1.68
N GLY A 18 3.83 -12.79 0.99
CA GLY A 18 5.08 -13.38 0.55
C GLY A 18 5.47 -12.89 -0.84
N ASP A 19 5.37 -11.57 -1.00
CA ASP A 19 5.72 -10.95 -2.27
C ASP A 19 6.52 -9.67 -2.02
N GLY A 20 6.02 -8.88 -1.08
CA GLY A 20 6.68 -7.63 -0.73
C GLY A 20 5.96 -6.44 -1.35
N LYS A 21 4.89 -6.74 -2.07
CA LYS A 21 4.11 -5.70 -2.72
C LYS A 21 2.89 -5.38 -1.86
N LEU A 22 2.43 -4.14 -1.99
CA LEU A 22 1.27 -3.69 -1.23
C LEU A 22 0.01 -3.83 -2.10
N THR A 23 -0.62 -4.98 -1.99
CA THR A 23 -1.82 -5.25 -2.77
C THR A 23 -3.06 -4.89 -1.94
N LYS A 24 -4.17 -4.69 -2.65
CA LYS A 24 -5.42 -4.34 -2.00
C LYS A 24 -5.80 -5.44 -1.02
N GLU A 25 -5.68 -6.68 -1.49
CA GLU A 25 -6.01 -7.83 -0.68
C GLU A 25 -5.28 -7.76 0.67
N GLU A 26 -3.96 -7.76 0.59
CA GLU A 26 -3.13 -7.70 1.79
C GLU A 26 -3.43 -6.41 2.56
N VAL A 27 -3.80 -5.38 1.81
CA VAL A 27 -4.11 -4.10 2.41
C VAL A 27 -5.41 -4.21 3.21
N THR A 28 -6.51 -4.32 2.48
CA THR A 28 -7.81 -4.44 3.11
C THR A 28 -7.75 -5.41 4.29
N SER A 29 -6.89 -6.41 4.15
CA SER A 29 -6.73 -7.41 5.19
C SER A 29 -6.10 -6.77 6.43
N PHE A 30 -4.95 -6.15 6.22
CA PHE A 30 -4.25 -5.49 7.32
C PHE A 30 -4.94 -4.18 7.71
N PHE A 31 -5.50 -3.52 6.71
CA PHE A 31 -6.19 -2.27 6.94
C PHE A 31 -7.60 -2.50 7.49
N LYS A 32 -8.08 -3.72 7.28
CA LYS A 32 -9.41 -4.09 7.75
C LYS A 32 -9.62 -3.53 9.15
N LYS A 33 -8.52 -3.38 9.87
CA LYS A 33 -8.57 -2.86 11.23
C LYS A 33 -8.41 -1.34 11.19
N HIS A 34 -7.51 -0.88 10.32
CA HIS A 34 -7.25 0.53 10.18
C HIS A 34 -8.45 1.20 9.52
N GLY A 35 -8.16 1.93 8.44
CA GLY A 35 -9.20 2.62 7.70
C GLY A 35 -9.43 1.97 6.34
N ILE A 36 -9.47 0.65 6.35
CA ILE A 36 -9.70 -0.11 5.13
C ILE A 36 -10.67 0.65 4.24
N GLU A 37 -11.62 1.33 4.88
CA GLU A 37 -12.62 2.09 4.16
C GLU A 37 -11.95 3.26 3.41
N LYS A 38 -11.48 4.23 4.17
CA LYS A 38 -10.84 5.39 3.59
C LYS A 38 -9.65 4.93 2.75
N VAL A 39 -9.01 3.87 3.21
CA VAL A 39 -7.85 3.33 2.51
C VAL A 39 -8.32 2.65 1.21
N ALA A 40 -9.50 2.05 1.29
CA ALA A 40 -10.07 1.36 0.15
C ALA A 40 -10.30 2.37 -0.97
N GLU A 41 -10.83 3.52 -0.60
CA GLU A 41 -11.11 4.58 -1.56
C GLU A 41 -9.80 5.15 -2.10
N GLN A 42 -8.88 5.44 -1.20
CA GLN A 42 -7.60 5.98 -1.57
C GLN A 42 -6.80 4.96 -2.37
N VAL A 43 -6.94 3.71 -1.96
CA VAL A 43 -6.23 2.62 -2.63
C VAL A 43 -6.82 2.42 -4.03
N MET A 44 -8.14 2.44 -4.09
CA MET A 44 -8.83 2.26 -5.35
C MET A 44 -8.43 3.34 -6.35
N LYS A 45 -8.31 4.56 -5.84
CA LYS A 45 -7.94 5.69 -6.68
C LYS A 45 -6.42 5.69 -6.88
N ALA A 46 -5.74 5.04 -5.95
CA ALA A 46 -4.28 4.96 -6.01
C ALA A 46 -3.89 3.95 -7.08
N ASP A 47 -4.46 2.75 -6.98
CA ASP A 47 -4.17 1.70 -7.94
C ASP A 47 -4.36 2.23 -9.36
N ALA A 48 -5.28 3.18 -9.48
CA ALA A 48 -5.55 3.79 -10.77
C ALA A 48 -6.12 2.71 -11.71
N ASN A 49 -5.21 1.91 -12.25
CA ASN A 49 -5.59 0.86 -13.17
C ASN A 49 -6.58 -0.09 -12.47
N GLY A 50 -6.42 -0.18 -11.15
CA GLY A 50 -7.28 -1.04 -10.35
C GLY A 50 -6.93 -2.51 -10.55
N ASP A 51 -5.64 -2.80 -10.38
CA ASP A 51 -5.16 -4.17 -10.53
C ASP A 51 -3.64 -4.18 -10.42
N GLY A 52 -3.14 -3.54 -9.38
CA GLY A 52 -1.71 -3.47 -9.15
C GLY A 52 -1.40 -3.16 -7.68
N TYR A 53 -0.31 -3.74 -7.20
CA TYR A 53 0.10 -3.54 -5.82
C TYR A 53 1.18 -2.46 -5.73
N ILE A 54 1.43 -2.01 -4.51
CA ILE A 54 2.42 -0.98 -4.26
C ILE A 54 3.70 -1.64 -3.72
N THR A 55 4.71 -1.67 -4.59
CA THR A 55 5.99 -2.27 -4.21
C THR A 55 6.98 -1.17 -3.78
N LEU A 56 7.74 -1.48 -2.75
CA LEU A 56 8.72 -0.54 -2.23
C LEU A 56 9.40 0.17 -3.41
N GLU A 57 9.70 -0.61 -4.43
CA GLU A 57 10.35 -0.07 -5.61
C GLU A 57 9.47 1.02 -6.26
N GLU A 58 8.21 0.67 -6.44
CA GLU A 58 7.26 1.60 -7.04
C GLU A 58 6.86 2.67 -6.03
N PHE A 59 6.57 2.22 -4.81
CA PHE A 59 6.18 3.13 -3.75
C PHE A 59 7.16 4.29 -3.63
N LEU A 60 8.44 3.97 -3.84
CA LEU A 60 9.48 4.97 -3.75
C LEU A 60 9.53 5.78 -5.05
N GLU A 61 9.84 5.07 -6.14
CA GLU A 61 9.92 5.70 -7.44
C GLU A 61 8.74 6.66 -7.64
N PHE A 62 7.59 6.26 -7.10
CA PHE A 62 6.39 7.08 -7.21
C PHE A 62 6.44 8.24 -6.23
N SER A 63 7.00 7.98 -5.06
CA SER A 63 7.12 9.00 -4.03
C SER A 63 7.87 10.21 -4.57
N LEU A 64 9.02 9.92 -5.17
CA LEU A 64 9.86 10.97 -5.74
C LEU A 64 9.29 11.40 -7.09
LA LA B . 2.31 -9.21 0.02
N SER A 1 14.18 11.11 2.22
CA SER A 1 13.78 9.72 2.20
C SER A 1 12.84 9.42 3.38
N ASP A 2 13.03 10.18 4.45
CA ASP A 2 12.20 10.02 5.63
C ASP A 2 10.77 10.47 5.31
N ASP A 3 10.61 11.05 4.14
CA ASP A 3 9.31 11.53 3.71
C ASP A 3 8.52 10.37 3.10
N LYS A 4 9.27 9.35 2.67
CA LYS A 4 8.65 8.18 2.06
C LYS A 4 8.93 6.96 2.95
N ILE A 5 9.81 7.16 3.92
CA ILE A 5 10.16 6.08 4.83
C ILE A 5 8.97 5.78 5.74
N GLY A 6 8.15 6.80 5.95
CA GLY A 6 6.97 6.66 6.79
C GLY A 6 6.02 5.60 6.23
N LEU A 7 5.47 5.91 5.06
CA LEU A 7 4.54 5.02 4.40
C LEU A 7 5.24 3.69 4.11
N LYS A 8 6.42 3.80 3.52
CA LYS A 8 7.21 2.62 3.18
C LYS A 8 7.32 1.72 4.40
N VAL A 9 7.39 2.36 5.57
CA VAL A 9 7.51 1.63 6.82
C VAL A 9 6.19 0.88 7.08
N LEU A 10 5.14 1.66 7.27
CA LEU A 10 3.83 1.09 7.52
C LEU A 10 3.53 0.00 6.49
N TYR A 11 3.63 0.38 5.23
CA TYR A 11 3.37 -0.55 4.15
C TYR A 11 4.26 -1.79 4.28
N LYS A 12 5.56 -1.55 4.39
CA LYS A 12 6.51 -2.64 4.51
C LYS A 12 6.13 -3.51 5.72
N LEU A 13 5.62 -2.84 6.75
CA LEU A 13 5.21 -3.53 7.96
C LEU A 13 3.83 -4.17 7.74
N MET A 14 3.11 -3.61 6.78
CA MET A 14 1.78 -4.10 6.47
C MET A 14 1.86 -5.39 5.62
N ASP A 15 2.47 -5.25 4.46
CA ASP A 15 2.63 -6.38 3.56
C ASP A 15 3.15 -7.59 4.33
N VAL A 16 2.22 -8.42 4.77
CA VAL A 16 2.57 -9.61 5.52
C VAL A 16 2.20 -10.86 4.71
N ASP A 17 1.25 -10.68 3.80
CA ASP A 17 0.80 -11.76 2.96
C ASP A 17 2.00 -12.65 2.59
N GLY A 18 3.07 -11.99 2.17
CA GLY A 18 4.27 -12.70 1.78
C GLY A 18 4.51 -12.62 0.27
N ASP A 19 4.31 -11.43 -0.26
CA ASP A 19 4.48 -11.21 -1.69
C ASP A 19 5.54 -10.12 -1.90
N GLY A 20 5.35 -9.00 -1.22
CA GLY A 20 6.27 -7.88 -1.33
C GLY A 20 5.55 -6.63 -1.81
N LYS A 21 4.48 -6.84 -2.56
CA LYS A 21 3.69 -5.73 -3.09
C LYS A 21 2.50 -5.48 -2.18
N LEU A 22 2.04 -4.24 -2.17
CA LEU A 22 0.91 -3.86 -1.35
C LEU A 22 -0.37 -3.92 -2.20
N THR A 23 -1.02 -5.07 -2.17
CA THR A 23 -2.24 -5.27 -2.92
C THR A 23 -3.46 -4.93 -2.06
N LYS A 24 -4.58 -4.73 -2.73
CA LYS A 24 -5.81 -4.40 -2.05
C LYS A 24 -6.20 -5.55 -1.11
N GLU A 25 -6.40 -6.71 -1.70
CA GLU A 25 -6.77 -7.89 -0.94
C GLU A 25 -5.97 -7.94 0.37
N GLU A 26 -4.66 -7.91 0.21
CA GLU A 26 -3.77 -7.95 1.37
C GLU A 26 -3.99 -6.71 2.25
N VAL A 27 -4.29 -5.61 1.59
CA VAL A 27 -4.53 -4.36 2.30
C VAL A 27 -5.82 -4.47 3.12
N THR A 28 -6.92 -4.50 2.39
CA THR A 28 -8.23 -4.60 3.03
C THR A 28 -8.21 -5.68 4.12
N SER A 29 -7.39 -6.69 3.89
CA SER A 29 -7.27 -7.78 4.84
C SER A 29 -6.64 -7.28 6.14
N PHE A 30 -5.51 -6.62 5.99
CA PHE A 30 -4.81 -6.07 7.14
C PHE A 30 -5.44 -4.76 7.61
N PHE A 31 -5.96 -4.02 6.64
CA PHE A 31 -6.59 -2.75 6.93
C PHE A 31 -8.03 -2.95 7.44
N LYS A 32 -8.56 -4.13 7.16
CA LYS A 32 -9.91 -4.46 7.58
C LYS A 32 -10.10 -4.02 9.03
N LYS A 33 -9.00 -3.98 9.77
CA LYS A 33 -9.04 -3.59 11.16
C LYS A 33 -9.00 -2.06 11.25
N HIS A 34 -8.14 -1.48 10.42
CA HIS A 34 -7.98 -0.03 10.40
C HIS A 34 -9.20 0.60 9.72
N GLY A 35 -8.92 1.47 8.76
CA GLY A 35 -9.97 2.15 8.04
C GLY A 35 -10.08 1.63 6.60
N ILE A 36 -10.01 0.31 6.49
CA ILE A 36 -10.10 -0.33 5.18
C ILE A 36 -11.03 0.48 4.28
N GLU A 37 -12.09 1.00 4.89
CA GLU A 37 -13.06 1.79 4.16
C GLU A 37 -12.35 2.84 3.30
N LYS A 38 -11.81 3.84 3.98
CA LYS A 38 -11.10 4.91 3.30
C LYS A 38 -9.91 4.33 2.52
N VAL A 39 -9.06 3.64 3.26
CA VAL A 39 -7.89 3.02 2.67
C VAL A 39 -8.28 2.35 1.34
N ALA A 40 -9.39 1.63 1.39
CA ALA A 40 -9.88 0.95 0.20
C ALA A 40 -10.13 1.97 -0.90
N GLU A 41 -10.81 3.05 -0.53
CA GLU A 41 -11.12 4.11 -1.48
C GLU A 41 -9.84 4.80 -1.94
N GLN A 42 -8.99 5.11 -0.98
CA GLN A 42 -7.73 5.77 -1.28
C GLN A 42 -6.84 4.85 -2.13
N VAL A 43 -6.79 3.59 -1.74
CA VAL A 43 -5.99 2.61 -2.45
C VAL A 43 -6.56 2.42 -3.85
N MET A 44 -7.89 2.42 -3.93
CA MET A 44 -8.56 2.24 -5.20
C MET A 44 -8.19 3.35 -6.18
N LYS A 45 -8.14 4.57 -5.66
CA LYS A 45 -7.79 5.72 -6.47
C LYS A 45 -6.27 5.78 -6.64
N ALA A 46 -5.58 5.11 -5.73
CA ALA A 46 -4.13 5.09 -5.76
C ALA A 46 -3.66 4.15 -6.89
N ASP A 47 -4.28 2.98 -6.93
CA ASP A 47 -3.94 2.00 -7.94
C ASP A 47 -3.70 2.71 -9.28
N ALA A 48 -4.78 3.25 -9.83
CA ALA A 48 -4.70 3.95 -11.09
C ALA A 48 -4.44 2.95 -12.22
N ASN A 49 -3.33 2.25 -12.09
CA ASN A 49 -2.95 1.26 -13.09
C ASN A 49 -4.21 0.54 -13.58
N GLY A 50 -4.95 -0.01 -12.62
CA GLY A 50 -6.17 -0.73 -12.95
C GLY A 50 -6.57 -1.66 -11.81
N ASP A 51 -5.57 -2.33 -11.25
CA ASP A 51 -5.81 -3.25 -10.15
C ASP A 51 -4.51 -3.99 -9.83
N GLY A 52 -3.54 -3.24 -9.33
CA GLY A 52 -2.25 -3.81 -8.99
C GLY A 52 -1.98 -3.68 -7.48
N TYR A 53 -0.72 -3.47 -7.16
CA TYR A 53 -0.31 -3.33 -5.77
C TYR A 53 0.74 -2.23 -5.61
N ILE A 54 0.97 -1.85 -4.37
CA ILE A 54 1.95 -0.81 -4.08
C ILE A 54 3.26 -1.47 -3.64
N THR A 55 4.21 -1.51 -4.57
CA THR A 55 5.50 -2.09 -4.29
C THR A 55 6.50 -1.02 -3.86
N LEU A 56 7.41 -1.42 -2.98
CA LEU A 56 8.42 -0.50 -2.48
C LEU A 56 8.97 0.33 -3.64
N GLU A 57 9.12 -0.31 -4.78
CA GLU A 57 9.63 0.35 -5.97
C GLU A 57 8.62 1.39 -6.46
N GLU A 58 7.36 0.99 -6.47
CA GLU A 58 6.29 1.86 -6.91
C GLU A 58 5.99 2.91 -5.84
N PHE A 59 6.22 2.53 -4.60
CA PHE A 59 5.98 3.42 -3.48
C PHE A 59 7.09 4.46 -3.36
N LEU A 60 8.27 4.07 -3.80
CA LEU A 60 9.42 4.96 -3.75
C LEU A 60 9.36 5.94 -4.92
N GLU A 61 9.06 5.39 -6.09
CA GLU A 61 8.96 6.21 -7.28
C GLU A 61 7.69 7.06 -7.25
N PHE A 62 6.68 6.52 -6.58
CA PHE A 62 5.41 7.22 -6.46
C PHE A 62 5.58 8.56 -5.75
N SER A 63 6.40 8.54 -4.70
CA SER A 63 6.66 9.74 -3.92
C SER A 63 7.66 10.63 -4.66
N LEU A 64 8.59 9.98 -5.32
CA LEU A 64 9.62 10.69 -6.07
C LEU A 64 9.04 11.16 -7.41
LA LA B . 1.74 -8.94 -0.12
N SER A 1 13.18 5.85 1.77
CA SER A 1 13.75 7.16 2.04
C SER A 1 12.75 8.00 2.84
N ASP A 2 13.30 8.79 3.76
CA ASP A 2 12.49 9.64 4.60
C ASP A 2 11.37 10.26 3.75
N ASP A 3 11.68 10.44 2.47
CA ASP A 3 10.72 11.02 1.55
C ASP A 3 9.35 10.36 1.77
N LYS A 4 9.39 9.09 2.12
CA LYS A 4 8.17 8.33 2.36
C LYS A 4 8.49 7.06 3.14
N ILE A 5 9.56 7.15 3.93
CA ILE A 5 9.99 6.02 4.73
C ILE A 5 8.87 5.63 5.70
N GLY A 6 8.04 6.61 6.01
CA GLY A 6 6.93 6.38 6.92
C GLY A 6 5.89 5.45 6.30
N LEU A 7 5.22 5.97 5.27
CA LEU A 7 4.20 5.20 4.58
C LEU A 7 4.77 3.83 4.20
N LYS A 8 6.04 3.84 3.84
CA LYS A 8 6.72 2.61 3.46
C LYS A 8 6.89 1.71 4.69
N VAL A 9 7.28 2.34 5.78
CA VAL A 9 7.48 1.62 7.03
C VAL A 9 6.22 0.81 7.36
N LEU A 10 5.12 1.53 7.55
CA LEU A 10 3.86 0.90 7.87
C LEU A 10 3.55 -0.17 6.82
N TYR A 11 3.66 0.23 5.56
CA TYR A 11 3.40 -0.68 4.46
C TYR A 11 4.27 -1.95 4.58
N LYS A 12 5.57 -1.73 4.57
CA LYS A 12 6.51 -2.84 4.67
C LYS A 12 6.16 -3.68 5.91
N LEU A 13 5.68 -3.00 6.93
CA LEU A 13 5.31 -3.66 8.17
C LEU A 13 3.95 -4.33 7.99
N MET A 14 3.17 -3.79 7.07
CA MET A 14 1.85 -4.33 6.79
C MET A 14 1.94 -5.61 5.97
N ASP A 15 2.58 -5.48 4.81
CA ASP A 15 2.74 -6.62 3.91
C ASP A 15 3.10 -7.86 4.74
N VAL A 16 2.09 -8.65 5.05
CA VAL A 16 2.29 -9.86 5.82
C VAL A 16 1.97 -11.07 4.95
N ASP A 17 1.05 -10.87 4.03
CA ASP A 17 0.64 -11.94 3.13
C ASP A 17 1.87 -12.72 2.69
N GLY A 18 2.99 -12.03 2.63
CA GLY A 18 4.25 -12.65 2.24
C GLY A 18 4.41 -12.62 0.71
N ASP A 19 4.57 -11.41 0.19
CA ASP A 19 4.73 -11.23 -1.24
C ASP A 19 5.80 -10.16 -1.50
N GLY A 20 5.67 -9.06 -0.78
CA GLY A 20 6.61 -7.95 -0.91
C GLY A 20 5.90 -6.71 -1.46
N LYS A 21 4.85 -6.95 -2.23
CA LYS A 21 4.09 -5.85 -2.82
C LYS A 21 2.87 -5.56 -1.94
N LEU A 22 2.42 -4.32 -2.01
CA LEU A 22 1.27 -3.89 -1.23
C LEU A 22 0.01 -4.00 -2.10
N THR A 23 -0.64 -5.15 -2.01
CA THR A 23 -1.85 -5.38 -2.79
C THR A 23 -3.09 -4.99 -1.97
N LYS A 24 -4.19 -4.80 -2.68
CA LYS A 24 -5.44 -4.42 -2.04
C LYS A 24 -5.87 -5.53 -1.07
N GLU A 25 -6.13 -6.70 -1.65
CA GLU A 25 -6.56 -7.83 -0.85
C GLU A 25 -5.77 -7.89 0.46
N GLU A 26 -4.45 -7.87 0.34
CA GLU A 26 -3.58 -7.91 1.50
C GLU A 26 -3.78 -6.66 2.35
N VAL A 27 -4.03 -5.54 1.67
CA VAL A 27 -4.24 -4.28 2.35
C VAL A 27 -5.55 -4.33 3.14
N THR A 28 -6.65 -4.36 2.40
CA THR A 28 -7.96 -4.41 3.02
C THR A 28 -7.98 -5.46 4.14
N SER A 29 -7.22 -6.52 3.92
CA SER A 29 -7.15 -7.59 4.90
C SER A 29 -6.55 -7.07 6.20
N PHE A 30 -5.41 -6.42 6.08
CA PHE A 30 -4.71 -5.86 7.22
C PHE A 30 -5.34 -4.53 7.64
N PHE A 31 -5.83 -3.80 6.65
CA PHE A 31 -6.45 -2.51 6.90
C PHE A 31 -7.86 -2.68 7.46
N LYS A 32 -8.44 -3.84 7.18
CA LYS A 32 -9.78 -4.15 7.65
C LYS A 32 -9.85 -3.89 9.16
N LYS A 33 -8.76 -4.18 9.83
CA LYS A 33 -8.69 -4.00 11.27
C LYS A 33 -8.71 -2.49 11.58
N HIS A 34 -8.16 -1.72 10.66
CA HIS A 34 -8.10 -0.27 10.82
C HIS A 34 -9.33 0.37 10.14
N GLY A 35 -9.06 1.45 9.42
CA GLY A 35 -10.11 2.15 8.73
C GLY A 35 -9.97 1.99 7.22
N ILE A 36 -9.78 0.75 6.81
CA ILE A 36 -9.63 0.44 5.39
C ILE A 36 -10.44 1.44 4.57
N GLU A 37 -11.64 1.71 5.06
CA GLU A 37 -12.54 2.64 4.38
C GLU A 37 -11.73 3.75 3.70
N LYS A 38 -11.15 4.61 4.53
CA LYS A 38 -10.36 5.72 4.02
C LYS A 38 -9.42 5.20 2.92
N VAL A 39 -8.63 4.20 3.29
CA VAL A 39 -7.69 3.61 2.35
C VAL A 39 -8.45 3.11 1.11
N ALA A 40 -9.70 2.72 1.35
CA ALA A 40 -10.54 2.22 0.27
C ALA A 40 -10.67 3.30 -0.81
N GLU A 41 -10.98 4.51 -0.37
CA GLU A 41 -11.13 5.62 -1.28
C GLU A 41 -9.77 6.06 -1.82
N GLN A 42 -8.83 6.24 -0.90
CA GLN A 42 -7.50 6.66 -1.26
C GLN A 42 -6.87 5.65 -2.23
N VAL A 43 -6.86 4.40 -1.81
CA VAL A 43 -6.29 3.34 -2.62
C VAL A 43 -7.09 3.23 -3.92
N MET A 44 -8.39 3.44 -3.81
CA MET A 44 -9.26 3.37 -4.96
C MET A 44 -8.76 4.27 -6.09
N LYS A 45 -8.47 5.51 -5.73
CA LYS A 45 -7.98 6.48 -6.69
C LYS A 45 -6.48 6.25 -6.92
N ALA A 46 -5.87 5.57 -5.96
CA ALA A 46 -4.45 5.28 -6.05
C ALA A 46 -4.20 4.25 -7.16
N ASP A 47 -4.88 3.12 -7.02
CA ASP A 47 -4.74 2.05 -7.99
C ASP A 47 -5.68 2.31 -9.18
N ALA A 48 -5.49 3.49 -9.78
CA ALA A 48 -6.31 3.88 -10.91
C ALA A 48 -5.46 3.81 -12.19
N ASN A 49 -5.29 2.60 -12.68
CA ASN A 49 -4.51 2.39 -13.89
C ASN A 49 -4.71 0.95 -14.37
N GLY A 50 -4.71 0.03 -13.42
CA GLY A 50 -4.88 -1.37 -13.73
C GLY A 50 -5.46 -2.13 -12.54
N ASP A 51 -4.57 -2.56 -11.65
CA ASP A 51 -4.98 -3.29 -10.47
C ASP A 51 -3.80 -4.14 -9.97
N GLY A 52 -2.77 -3.46 -9.50
CA GLY A 52 -1.60 -4.14 -8.99
C GLY A 52 -1.41 -3.87 -7.50
N TYR A 53 -0.15 -3.85 -7.08
CA TYR A 53 0.19 -3.61 -5.69
C TYR A 53 1.24 -2.51 -5.56
N ILE A 54 1.42 -2.05 -4.32
CA ILE A 54 2.39 -1.01 -4.06
C ILE A 54 3.68 -1.64 -3.53
N THR A 55 4.67 -1.70 -4.42
CA THR A 55 5.95 -2.28 -4.06
C THR A 55 6.92 -1.18 -3.62
N LEU A 56 7.67 -1.48 -2.57
CA LEU A 56 8.64 -0.54 -2.04
C LEU A 56 9.31 0.19 -3.21
N GLU A 57 9.68 -0.58 -4.21
CA GLU A 57 10.33 -0.03 -5.39
C GLU A 57 9.44 1.03 -6.04
N GLU A 58 8.18 0.67 -6.23
CA GLU A 58 7.22 1.57 -6.83
C GLU A 58 6.81 2.65 -5.83
N PHE A 59 6.65 2.24 -4.58
CA PHE A 59 6.27 3.17 -3.53
C PHE A 59 7.18 4.39 -3.51
N LEU A 60 8.46 4.13 -3.68
CA LEU A 60 9.46 5.19 -3.69
C LEU A 60 9.46 5.88 -5.05
N GLU A 61 9.72 5.08 -6.07
CA GLU A 61 9.75 5.60 -7.43
C GLU A 61 8.50 6.44 -7.72
N PHE A 62 7.40 6.03 -7.10
CA PHE A 62 6.14 6.72 -7.27
C PHE A 62 6.08 7.98 -6.40
N SER A 63 6.68 7.87 -5.22
CA SER A 63 6.71 8.99 -4.29
C SER A 63 7.63 10.09 -4.82
N LEU A 64 8.79 9.66 -5.28
CA LEU A 64 9.77 10.60 -5.82
C LEU A 64 9.40 10.97 -7.25
LA LA B . 1.87 -9.11 0.05
N SER A 1 11.06 10.71 6.83
CA SER A 1 10.95 11.25 5.50
C SER A 1 11.50 10.24 4.47
N ASP A 2 12.80 10.35 4.22
CA ASP A 2 13.45 9.46 3.28
C ASP A 2 12.54 9.23 2.08
N ASP A 3 11.82 10.28 1.71
CA ASP A 3 10.91 10.22 0.58
C ASP A 3 9.57 9.66 1.06
N LYS A 4 9.62 8.49 1.67
CA LYS A 4 8.42 7.86 2.17
C LYS A 4 8.81 6.71 3.10
N ILE A 5 9.54 7.06 4.15
CA ILE A 5 9.98 6.06 5.12
C ILE A 5 8.81 5.69 6.03
N GLY A 6 8.02 6.70 6.36
CA GLY A 6 6.87 6.49 7.22
C GLY A 6 5.85 5.56 6.57
N LEU A 7 5.42 5.94 5.38
CA LEU A 7 4.45 5.15 4.63
C LEU A 7 5.07 3.79 4.30
N LYS A 8 6.30 3.84 3.82
CA LYS A 8 7.01 2.61 3.46
C LYS A 8 7.11 1.70 4.68
N VAL A 9 7.25 2.34 5.84
CA VAL A 9 7.36 1.60 7.08
C VAL A 9 6.06 0.83 7.34
N LEU A 10 4.97 1.58 7.42
CA LEU A 10 3.67 0.98 7.66
C LEU A 10 3.40 -0.08 6.59
N TYR A 11 3.46 0.34 5.33
CA TYR A 11 3.24 -0.57 4.23
C TYR A 11 4.10 -1.83 4.35
N LYS A 12 5.40 -1.60 4.49
CA LYS A 12 6.34 -2.71 4.61
C LYS A 12 5.90 -3.60 5.77
N LEU A 13 5.32 -2.97 6.79
CA LEU A 13 4.86 -3.70 7.95
C LEU A 13 3.50 -4.34 7.64
N MET A 14 2.78 -3.71 6.72
CA MET A 14 1.48 -4.20 6.34
C MET A 14 1.60 -5.50 5.53
N ASP A 15 2.51 -5.48 4.56
CA ASP A 15 2.72 -6.64 3.72
C ASP A 15 2.79 -7.89 4.59
N VAL A 16 1.64 -8.55 4.70
CA VAL A 16 1.56 -9.77 5.51
C VAL A 16 1.23 -10.95 4.59
N ASP A 17 0.42 -10.66 3.59
CA ASP A 17 0.01 -11.70 2.64
C ASP A 17 1.21 -12.60 2.34
N GLY A 18 2.25 -11.99 1.81
CA GLY A 18 3.47 -12.73 1.47
C GLY A 18 3.82 -12.55 0.00
N ASP A 19 4.42 -11.41 -0.31
CA ASP A 19 4.81 -11.11 -1.68
C ASP A 19 5.84 -9.98 -1.67
N GLY A 20 5.55 -8.96 -0.89
CA GLY A 20 6.43 -7.81 -0.78
C GLY A 20 5.78 -6.55 -1.35
N LYS A 21 4.75 -6.77 -2.15
CA LYS A 21 4.03 -5.67 -2.77
C LYS A 21 2.78 -5.36 -1.95
N LEU A 22 2.33 -4.11 -2.05
CA LEU A 22 1.15 -3.68 -1.33
C LEU A 22 -0.07 -3.78 -2.24
N THR A 23 -0.71 -4.94 -2.19
CA THR A 23 -1.89 -5.18 -3.00
C THR A 23 -3.16 -4.83 -2.21
N LYS A 24 -4.24 -4.64 -2.96
CA LYS A 24 -5.51 -4.30 -2.36
C LYS A 24 -5.92 -5.39 -1.36
N GLU A 25 -6.17 -6.57 -1.91
CA GLU A 25 -6.57 -7.71 -1.10
C GLU A 25 -5.76 -7.74 0.20
N GLU A 26 -4.44 -7.71 0.04
CA GLU A 26 -3.55 -7.73 1.19
C GLU A 26 -3.77 -6.49 2.05
N VAL A 27 -4.04 -5.38 1.38
CA VAL A 27 -4.27 -4.13 2.08
C VAL A 27 -5.59 -4.22 2.86
N THR A 28 -6.68 -4.23 2.12
CA THR A 28 -8.00 -4.32 2.73
C THR A 28 -7.99 -5.35 3.87
N SER A 29 -7.20 -6.38 3.67
CA SER A 29 -7.10 -7.45 4.67
C SER A 29 -6.49 -6.88 5.97
N PHE A 30 -5.30 -6.33 5.84
CA PHE A 30 -4.62 -5.76 6.98
C PHE A 30 -5.26 -4.43 7.40
N PHE A 31 -5.78 -3.72 6.41
CA PHE A 31 -6.42 -2.45 6.66
C PHE A 31 -7.85 -2.64 7.17
N LYS A 32 -8.37 -3.84 6.95
CA LYS A 32 -9.72 -4.16 7.38
C LYS A 32 -9.97 -3.54 8.75
N LYS A 33 -8.90 -3.43 9.53
CA LYS A 33 -8.99 -2.86 10.86
C LYS A 33 -8.71 -1.36 10.78
N HIS A 34 -7.70 -1.01 9.99
CA HIS A 34 -7.32 0.38 9.83
C HIS A 34 -8.46 1.13 9.12
N GLY A 35 -8.09 1.77 8.02
CA GLY A 35 -9.06 2.54 7.26
C GLY A 35 -9.37 1.86 5.92
N ILE A 36 -9.54 0.54 5.99
CA ILE A 36 -9.84 -0.24 4.80
C ILE A 36 -10.74 0.58 3.86
N GLU A 37 -11.58 1.40 4.48
CA GLU A 37 -12.49 2.24 3.72
C GLU A 37 -11.74 3.41 3.10
N LYS A 38 -11.22 4.27 3.97
CA LYS A 38 -10.48 5.43 3.53
C LYS A 38 -9.36 5.00 2.58
N VAL A 39 -8.71 3.90 2.95
CA VAL A 39 -7.63 3.37 2.14
C VAL A 39 -8.19 2.81 0.84
N ALA A 40 -9.32 2.14 0.96
CA ALA A 40 -9.97 1.55 -0.19
C ALA A 40 -10.15 2.62 -1.28
N GLU A 41 -10.44 3.83 -0.82
CA GLU A 41 -10.63 4.95 -1.74
C GLU A 41 -9.27 5.45 -2.24
N GLN A 42 -8.35 5.57 -1.31
CA GLN A 42 -7.01 6.05 -1.64
C GLN A 42 -6.32 5.07 -2.59
N VAL A 43 -6.43 3.79 -2.27
CA VAL A 43 -5.83 2.75 -3.09
C VAL A 43 -6.49 2.75 -4.47
N MET A 44 -7.80 2.90 -4.46
CA MET A 44 -8.57 2.91 -5.71
C MET A 44 -8.03 3.99 -6.66
N LYS A 45 -7.81 5.17 -6.10
CA LYS A 45 -7.29 6.28 -6.89
C LYS A 45 -5.79 6.11 -7.09
N ALA A 46 -5.20 5.29 -6.22
CA ALA A 46 -3.77 5.04 -6.29
C ALA A 46 -3.49 4.05 -7.43
N ASP A 47 -4.20 2.94 -7.39
CA ASP A 47 -4.04 1.91 -8.40
C ASP A 47 -4.35 2.50 -9.78
N ALA A 48 -5.34 3.39 -9.79
CA ALA A 48 -5.74 4.04 -11.04
C ALA A 48 -6.38 2.99 -11.95
N ASN A 49 -5.53 2.16 -12.54
CA ASN A 49 -5.99 1.13 -13.44
C ASN A 49 -6.85 0.13 -12.67
N GLY A 50 -6.49 -0.06 -11.40
CA GLY A 50 -7.21 -0.98 -10.54
C GLY A 50 -6.81 -2.43 -10.84
N ASP A 51 -5.52 -2.70 -10.62
CA ASP A 51 -5.00 -4.04 -10.85
C ASP A 51 -3.47 -4.01 -10.72
N GLY A 52 -3.03 -3.44 -9.61
CA GLY A 52 -1.60 -3.34 -9.35
C GLY A 52 -1.33 -3.05 -7.87
N TYR A 53 -0.25 -3.65 -7.37
CA TYR A 53 0.12 -3.46 -5.98
C TYR A 53 1.20 -2.39 -5.83
N ILE A 54 1.41 -1.97 -4.60
CA ILE A 54 2.41 -0.95 -4.31
C ILE A 54 3.67 -1.62 -3.75
N THR A 55 4.70 -1.64 -4.57
CA THR A 55 5.96 -2.24 -4.17
C THR A 55 6.94 -1.17 -3.70
N LEU A 56 7.74 -1.53 -2.71
CA LEU A 56 8.72 -0.61 -2.15
C LEU A 56 9.37 0.18 -3.30
N GLU A 57 9.63 -0.54 -4.38
CA GLU A 57 10.26 0.07 -5.55
C GLU A 57 9.32 1.10 -6.16
N GLU A 58 8.07 0.70 -6.34
CA GLU A 58 7.08 1.57 -6.92
C GLU A 58 6.68 2.67 -5.92
N PHE A 59 6.69 2.30 -4.65
CA PHE A 59 6.35 3.23 -3.60
C PHE A 59 7.36 4.37 -3.50
N LEU A 60 8.62 4.01 -3.77
CA LEU A 60 9.70 4.97 -3.71
C LEU A 60 9.71 5.79 -5.01
N GLU A 61 9.99 5.09 -6.10
CA GLU A 61 10.04 5.74 -7.40
C GLU A 61 8.85 6.68 -7.57
N PHE A 62 7.72 6.26 -7.03
CA PHE A 62 6.50 7.05 -7.11
C PHE A 62 6.62 8.32 -6.27
N SER A 63 7.25 8.17 -5.12
CA SER A 63 7.43 9.29 -4.22
C SER A 63 8.55 10.20 -4.72
N LEU A 64 9.45 9.59 -5.50
CA LEU A 64 10.57 10.34 -6.06
C LEU A 64 10.08 11.17 -7.26
LA LA B . 1.91 -9.04 -0.15
N SER A 1 12.32 10.60 0.64
CA SER A 1 11.48 11.30 1.60
C SER A 1 11.14 10.39 2.77
N ASP A 2 11.37 10.92 3.97
CA ASP A 2 11.09 10.16 5.18
C ASP A 2 9.59 9.86 5.26
N ASP A 3 8.80 10.78 4.72
CA ASP A 3 7.36 10.62 4.72
C ASP A 3 6.99 9.36 3.94
N LYS A 4 7.80 9.06 2.94
CA LYS A 4 7.57 7.89 2.11
C LYS A 4 8.15 6.65 2.81
N ILE A 5 9.29 6.86 3.46
CA ILE A 5 9.95 5.78 4.17
C ILE A 5 8.99 5.19 5.19
N GLY A 6 8.52 6.05 6.09
CA GLY A 6 7.60 5.63 7.13
C GLY A 6 6.50 4.73 6.56
N LEU A 7 5.69 5.34 5.70
CA LEU A 7 4.60 4.60 5.08
C LEU A 7 5.12 3.28 4.51
N LYS A 8 6.35 3.35 3.99
CA LYS A 8 6.97 2.17 3.42
C LYS A 8 7.26 1.15 4.52
N VAL A 9 7.68 1.67 5.67
CA VAL A 9 7.97 0.82 6.80
C VAL A 9 6.72 0.03 7.20
N LEU A 10 5.66 0.77 7.48
CA LEU A 10 4.40 0.16 7.87
C LEU A 10 3.99 -0.87 6.81
N TYR A 11 4.02 -0.42 5.57
CA TYR A 11 3.64 -1.28 4.46
C TYR A 11 4.57 -2.50 4.38
N LYS A 12 5.87 -2.22 4.42
CA LYS A 12 6.86 -3.28 4.35
C LYS A 12 6.63 -4.25 5.51
N LEU A 13 6.17 -3.70 6.62
CA LEU A 13 5.92 -4.50 7.81
C LEU A 13 4.57 -5.23 7.64
N MET A 14 3.51 -4.44 7.59
CA MET A 14 2.17 -4.99 7.44
C MET A 14 2.12 -5.96 6.26
N ASP A 15 2.67 -5.52 5.14
CA ASP A 15 2.69 -6.33 3.94
C ASP A 15 2.96 -7.78 4.32
N VAL A 16 1.89 -8.56 4.40
CA VAL A 16 2.01 -9.96 4.75
C VAL A 16 1.58 -10.82 3.56
N ASP A 17 0.33 -10.66 3.16
CA ASP A 17 -0.20 -11.41 2.03
C ASP A 17 0.77 -11.30 0.85
N GLY A 18 0.89 -10.09 0.32
CA GLY A 18 1.77 -9.84 -0.80
C GLY A 18 3.21 -10.25 -0.46
N ASP A 19 3.54 -10.13 0.82
CA ASP A 19 4.87 -10.47 1.28
C ASP A 19 5.91 -9.82 0.36
N GLY A 20 5.51 -8.71 -0.24
CA GLY A 20 6.39 -7.99 -1.15
C GLY A 20 5.72 -6.72 -1.67
N LYS A 21 4.67 -6.93 -2.45
CA LYS A 21 3.93 -5.81 -3.02
C LYS A 21 2.69 -5.53 -2.17
N LEU A 22 2.25 -4.29 -2.22
CA LEU A 22 1.07 -3.88 -1.46
C LEU A 22 -0.17 -3.95 -2.37
N THR A 23 -0.81 -5.11 -2.33
CA THR A 23 -2.01 -5.32 -3.13
C THR A 23 -3.27 -4.97 -2.33
N LYS A 24 -4.35 -4.74 -3.04
CA LYS A 24 -5.61 -4.41 -2.41
C LYS A 24 -5.94 -5.46 -1.36
N GLU A 25 -6.19 -6.67 -1.83
CA GLU A 25 -6.52 -7.77 -0.95
C GLU A 25 -5.65 -7.73 0.30
N GLU A 26 -4.36 -7.55 0.08
CA GLU A 26 -3.40 -7.48 1.17
C GLU A 26 -3.74 -6.32 2.10
N VAL A 27 -4.06 -5.18 1.48
CA VAL A 27 -4.41 -3.99 2.24
C VAL A 27 -5.76 -4.19 2.93
N THR A 28 -6.80 -4.20 2.11
CA THR A 28 -8.15 -4.39 2.63
C THR A 28 -8.14 -5.37 3.80
N SER A 29 -7.33 -6.41 3.66
CA SER A 29 -7.23 -7.42 4.70
C SER A 29 -6.61 -6.81 5.95
N PHE A 30 -5.32 -6.50 5.85
CA PHE A 30 -4.61 -5.91 6.97
C PHE A 30 -5.30 -4.63 7.45
N PHE A 31 -5.84 -3.89 6.49
CA PHE A 31 -6.52 -2.65 6.81
C PHE A 31 -7.94 -2.92 7.32
N LYS A 32 -8.43 -4.12 7.04
CA LYS A 32 -9.76 -4.51 7.46
C LYS A 32 -10.03 -3.95 8.85
N LYS A 33 -8.96 -3.83 9.63
CA LYS A 33 -9.07 -3.31 10.99
C LYS A 33 -8.95 -1.78 10.95
N HIS A 34 -7.94 -1.33 10.23
CA HIS A 34 -7.69 0.11 10.10
C HIS A 34 -8.88 0.77 9.41
N GLY A 35 -8.56 1.57 8.40
CA GLY A 35 -9.59 2.28 7.64
C GLY A 35 -9.72 1.70 6.23
N ILE A 36 -9.70 0.37 6.16
CA ILE A 36 -9.82 -0.30 4.89
C ILE A 36 -10.79 0.45 3.98
N GLU A 37 -11.77 1.08 4.62
CA GLU A 37 -12.76 1.85 3.88
C GLU A 37 -12.10 3.06 3.21
N LYS A 38 -11.72 4.02 4.04
CA LYS A 38 -11.08 5.22 3.55
C LYS A 38 -9.82 4.84 2.76
N VAL A 39 -9.20 3.76 3.20
CA VAL A 39 -7.99 3.29 2.55
C VAL A 39 -8.35 2.66 1.20
N ALA A 40 -9.49 1.97 1.18
CA ALA A 40 -9.96 1.33 -0.02
C ALA A 40 -10.12 2.38 -1.13
N GLU A 41 -10.79 3.47 -0.77
CA GLU A 41 -11.03 4.55 -1.71
C GLU A 41 -9.70 5.18 -2.14
N GLN A 42 -8.89 5.50 -1.14
CA GLN A 42 -7.59 6.11 -1.40
C GLN A 42 -6.72 5.17 -2.22
N VAL A 43 -6.69 3.92 -1.79
CA VAL A 43 -5.89 2.91 -2.48
C VAL A 43 -6.46 2.69 -3.88
N MET A 44 -7.78 2.67 -3.95
CA MET A 44 -8.47 2.47 -5.22
C MET A 44 -8.01 3.51 -6.25
N LYS A 45 -7.94 4.75 -5.81
CA LYS A 45 -7.53 5.83 -6.69
C LYS A 45 -6.00 5.84 -6.79
N ALA A 46 -5.37 5.21 -5.81
CA ALA A 46 -3.91 5.15 -5.77
C ALA A 46 -3.43 4.25 -6.91
N ASP A 47 -3.99 3.05 -6.96
CA ASP A 47 -3.62 2.09 -7.99
C ASP A 47 -3.44 2.84 -9.32
N ALA A 48 -4.56 3.30 -9.86
CA ALA A 48 -4.54 4.02 -11.12
C ALA A 48 -4.29 3.02 -12.26
N ASN A 49 -3.16 2.34 -12.17
CA ASN A 49 -2.79 1.36 -13.18
C ASN A 49 -4.04 0.62 -13.64
N GLY A 50 -4.76 0.09 -12.67
CA GLY A 50 -5.98 -0.65 -12.95
C GLY A 50 -6.38 -1.53 -11.76
N ASP A 51 -5.41 -2.28 -11.27
CA ASP A 51 -5.65 -3.16 -10.14
C ASP A 51 -4.37 -3.92 -9.80
N GLY A 52 -3.32 -3.16 -9.50
CA GLY A 52 -2.04 -3.76 -9.17
C GLY A 52 -1.76 -3.66 -7.66
N TYR A 53 -0.49 -3.46 -7.34
CA TYR A 53 -0.08 -3.35 -5.95
C TYR A 53 1.00 -2.28 -5.79
N ILE A 54 1.22 -1.90 -4.53
CA ILE A 54 2.22 -0.90 -4.22
C ILE A 54 3.51 -1.58 -3.75
N THR A 55 4.46 -1.66 -4.66
CA THR A 55 5.74 -2.28 -4.34
C THR A 55 6.76 -1.23 -3.91
N LEU A 56 7.62 -1.64 -2.97
CA LEU A 56 8.64 -0.75 -2.46
C LEU A 56 9.23 0.07 -3.61
N GLU A 57 9.41 -0.61 -4.73
CA GLU A 57 9.97 0.03 -5.91
C GLU A 57 9.02 1.12 -6.42
N GLU A 58 7.75 0.75 -6.51
CA GLU A 58 6.73 1.68 -6.97
C GLU A 58 6.42 2.72 -5.90
N PHE A 59 6.43 2.26 -4.65
CA PHE A 59 6.15 3.13 -3.52
C PHE A 59 7.19 4.25 -3.44
N LEU A 60 8.42 3.90 -3.79
CA LEU A 60 9.51 4.86 -3.74
C LEU A 60 9.44 5.76 -4.98
N GLU A 61 9.46 5.12 -6.14
CA GLU A 61 9.40 5.85 -7.40
C GLU A 61 8.22 6.84 -7.38
N PHE A 62 7.21 6.49 -6.60
CA PHE A 62 6.02 7.32 -6.49
C PHE A 62 6.40 8.75 -6.08
N SER A 63 7.14 8.84 -4.98
CA SER A 63 7.57 10.13 -4.48
C SER A 63 8.73 10.67 -5.32
N LEU A 64 9.48 9.74 -5.90
CA LEU A 64 10.61 10.09 -6.72
C LEU A 64 10.12 10.49 -8.12
LA LA B . 1.93 -9.13 -0.24
N SER A 1 13.66 11.07 2.09
CA SER A 1 12.69 10.06 1.70
C SER A 1 12.04 9.43 2.93
N ASP A 2 12.24 10.11 4.07
CA ASP A 2 11.69 9.63 5.32
C ASP A 2 10.18 9.91 5.35
N ASP A 3 9.71 10.58 4.30
CA ASP A 3 8.30 10.91 4.19
C ASP A 3 7.54 9.70 3.65
N LYS A 4 8.28 8.84 2.95
CA LYS A 4 7.68 7.64 2.37
C LYS A 4 8.24 6.41 3.09
N ILE A 5 9.36 6.62 3.75
CA ILE A 5 10.02 5.53 4.47
C ILE A 5 9.12 5.09 5.64
N GLY A 6 8.30 6.03 6.10
CA GLY A 6 7.39 5.75 7.20
C GLY A 6 6.28 4.80 6.76
N LEU A 7 5.39 5.32 5.93
CA LEU A 7 4.28 4.53 5.42
C LEU A 7 4.81 3.23 4.82
N LYS A 8 5.88 3.37 4.05
CA LYS A 8 6.50 2.22 3.40
C LYS A 8 6.80 1.15 4.45
N VAL A 9 7.75 1.47 5.31
CA VAL A 9 8.14 0.55 6.37
C VAL A 9 6.89 0.00 7.05
N LEU A 10 5.92 0.88 7.24
CA LEU A 10 4.68 0.49 7.87
C LEU A 10 4.13 -0.77 7.19
N TYR A 11 3.68 -0.59 5.95
CA TYR A 11 3.13 -1.70 5.19
C TYR A 11 4.19 -2.76 4.93
N LYS A 12 5.35 -2.29 4.47
CA LYS A 12 6.45 -3.20 4.18
C LYS A 12 6.74 -4.06 5.41
N LEU A 13 6.39 -3.51 6.57
CA LEU A 13 6.60 -4.21 7.83
C LEU A 13 5.50 -5.25 8.02
N MET A 14 4.27 -4.81 7.80
CA MET A 14 3.12 -5.70 7.95
C MET A 14 3.18 -6.85 6.94
N ASP A 15 2.96 -6.49 5.69
CA ASP A 15 2.99 -7.48 4.62
C ASP A 15 2.33 -8.77 5.11
N VAL A 16 1.03 -8.87 4.86
CA VAL A 16 0.27 -10.04 5.26
C VAL A 16 -0.16 -10.82 4.03
N ASP A 17 0.83 -11.18 3.23
CA ASP A 17 0.57 -11.94 2.01
C ASP A 17 1.75 -12.88 1.74
N GLY A 18 2.91 -12.29 1.59
CA GLY A 18 4.12 -13.06 1.33
C GLY A 18 4.72 -12.70 -0.03
N ASP A 19 5.22 -11.47 -0.11
CA ASP A 19 5.82 -11.00 -1.34
C ASP A 19 6.57 -9.69 -1.07
N GLY A 20 5.94 -8.83 -0.28
CA GLY A 20 6.52 -7.55 0.07
C GLY A 20 5.84 -6.42 -0.68
N LYS A 21 4.85 -6.78 -1.47
CA LYS A 21 4.10 -5.80 -2.24
C LYS A 21 2.81 -5.45 -1.51
N LEU A 22 2.35 -4.23 -1.72
CA LEU A 22 1.13 -3.76 -1.08
C LEU A 22 -0.04 -3.94 -2.04
N THR A 23 -0.69 -5.10 -1.93
CA THR A 23 -1.82 -5.42 -2.78
C THR A 23 -3.12 -5.04 -2.07
N LYS A 24 -4.19 -4.99 -2.86
CA LYS A 24 -5.50 -4.64 -2.34
C LYS A 24 -5.84 -5.58 -1.17
N GLU A 25 -6.09 -6.84 -1.52
CA GLU A 25 -6.43 -7.84 -0.52
C GLU A 25 -5.57 -7.63 0.73
N GLU A 26 -4.27 -7.49 0.52
CA GLU A 26 -3.34 -7.30 1.61
C GLU A 26 -3.70 -6.03 2.38
N VAL A 27 -4.01 -4.99 1.64
CA VAL A 27 -4.37 -3.71 2.24
C VAL A 27 -5.76 -3.82 2.88
N THR A 28 -6.75 -4.07 2.03
CA THR A 28 -8.12 -4.20 2.49
C THR A 28 -8.15 -4.87 3.87
N SER A 29 -7.62 -6.08 3.92
CA SER A 29 -7.59 -6.83 5.16
C SER A 29 -6.75 -6.08 6.20
N PHE A 30 -5.46 -5.97 5.91
CA PHE A 30 -4.54 -5.29 6.80
C PHE A 30 -5.16 -3.99 7.33
N PHE A 31 -5.77 -3.24 6.41
CA PHE A 31 -6.40 -1.98 6.78
C PHE A 31 -7.77 -2.22 7.39
N LYS A 32 -8.32 -3.40 7.11
CA LYS A 32 -9.63 -3.76 7.63
C LYS A 32 -9.70 -3.40 9.12
N LYS A 33 -8.53 -3.37 9.75
CA LYS A 33 -8.45 -3.04 11.16
C LYS A 33 -8.59 -1.53 11.34
N HIS A 34 -7.91 -0.80 10.47
CA HIS A 34 -7.96 0.66 10.51
C HIS A 34 -9.23 1.15 9.82
N GLY A 35 -9.05 2.17 8.98
CA GLY A 35 -10.17 2.74 8.26
C GLY A 35 -10.16 2.31 6.79
N ILE A 36 -9.91 1.02 6.58
CA ILE A 36 -9.87 0.47 5.24
C ILE A 36 -10.78 1.30 4.33
N GLU A 37 -12.01 1.50 4.79
CA GLU A 37 -12.99 2.26 4.03
C GLU A 37 -12.29 3.36 3.22
N LYS A 38 -11.60 4.23 3.94
CA LYS A 38 -10.88 5.33 3.29
C LYS A 38 -9.91 4.76 2.26
N VAL A 39 -8.87 4.10 2.75
CA VAL A 39 -7.87 3.51 1.88
C VAL A 39 -8.57 2.79 0.73
N ALA A 40 -9.76 2.28 1.02
CA ALA A 40 -10.54 1.57 0.02
C ALA A 40 -10.80 2.50 -1.17
N GLU A 41 -11.37 3.66 -0.85
CA GLU A 41 -11.68 4.64 -1.88
C GLU A 41 -10.40 5.27 -2.42
N GLN A 42 -9.50 5.60 -1.49
CA GLN A 42 -8.23 6.21 -1.85
C GLN A 42 -7.45 5.28 -2.77
N VAL A 43 -7.23 4.06 -2.29
CA VAL A 43 -6.49 3.07 -3.05
C VAL A 43 -7.21 2.82 -4.38
N MET A 44 -8.53 2.77 -4.30
CA MET A 44 -9.34 2.54 -5.48
C MET A 44 -9.00 3.54 -6.60
N LYS A 45 -8.88 4.79 -6.20
CA LYS A 45 -8.56 5.84 -7.14
C LYS A 45 -7.04 5.85 -7.41
N ALA A 46 -6.32 5.24 -6.47
CA ALA A 46 -4.88 5.17 -6.58
C ALA A 46 -4.50 4.09 -7.60
N ASP A 47 -5.03 2.90 -7.38
CA ASP A 47 -4.76 1.78 -8.26
C ASP A 47 -5.79 1.76 -9.39
N ALA A 48 -5.90 2.89 -10.06
CA ALA A 48 -6.84 3.03 -11.16
C ALA A 48 -6.09 2.97 -12.49
N ASN A 49 -4.79 3.26 -12.41
CA ASN A 49 -3.95 3.25 -13.59
C ASN A 49 -3.70 1.80 -14.02
N GLY A 50 -4.02 0.89 -13.11
CA GLY A 50 -3.84 -0.53 -13.38
C GLY A 50 -4.61 -1.38 -12.38
N ASP A 51 -3.87 -2.25 -11.70
CA ASP A 51 -4.47 -3.13 -10.71
C ASP A 51 -3.40 -4.06 -10.14
N GLY A 52 -2.39 -3.45 -9.53
CA GLY A 52 -1.30 -4.20 -8.95
C GLY A 52 -1.14 -3.88 -7.46
N TYR A 53 0.10 -4.01 -7.00
CA TYR A 53 0.40 -3.73 -5.60
C TYR A 53 1.45 -2.64 -5.47
N ILE A 54 1.58 -2.12 -4.26
CA ILE A 54 2.56 -1.06 -4.00
C ILE A 54 3.81 -1.69 -3.37
N THR A 55 4.83 -1.82 -4.20
CA THR A 55 6.09 -2.40 -3.74
C THR A 55 7.07 -1.29 -3.34
N LEU A 56 7.81 -1.55 -2.28
CA LEU A 56 8.78 -0.59 -1.79
C LEU A 56 9.42 0.13 -2.98
N GLU A 57 9.73 -0.65 -4.00
CA GLU A 57 10.35 -0.11 -5.20
C GLU A 57 9.38 0.84 -5.91
N GLU A 58 8.17 0.34 -6.13
CA GLU A 58 7.14 1.13 -6.79
C GLU A 58 6.70 2.29 -5.90
N PHE A 59 6.57 1.99 -4.61
CA PHE A 59 6.15 3.00 -3.65
C PHE A 59 7.10 4.20 -3.66
N LEU A 60 8.39 3.91 -3.72
CA LEU A 60 9.40 4.94 -3.75
C LEU A 60 9.37 5.65 -5.10
N GLU A 61 9.75 4.90 -6.14
CA GLU A 61 9.77 5.44 -7.48
C GLU A 61 8.50 6.26 -7.74
N PHE A 62 7.42 5.85 -7.09
CA PHE A 62 6.16 6.54 -7.25
C PHE A 62 6.12 7.83 -6.40
N SER A 63 6.45 7.67 -5.12
CA SER A 63 6.46 8.79 -4.21
C SER A 63 7.44 9.87 -4.71
N LEU A 64 8.46 9.40 -5.41
CA LEU A 64 9.47 10.31 -5.95
C LEU A 64 8.89 11.03 -7.16
LA LA B . 1.95 -9.29 -0.04
N SER A 1 13.49 11.77 3.98
CA SER A 1 12.31 11.22 3.33
C SER A 1 11.47 10.42 4.34
N ASP A 2 10.91 11.16 5.30
CA ASP A 2 10.09 10.54 6.33
C ASP A 2 8.72 10.20 5.75
N ASP A 3 8.37 10.90 4.68
CA ASP A 3 7.10 10.69 4.01
C ASP A 3 7.12 9.33 3.32
N LYS A 4 8.32 8.88 2.99
CA LYS A 4 8.49 7.61 2.32
C LYS A 4 8.82 6.53 3.36
N ILE A 5 9.53 6.95 4.39
CA ILE A 5 9.92 6.03 5.46
C ILE A 5 8.66 5.55 6.19
N GLY A 6 8.04 6.48 6.90
CA GLY A 6 6.84 6.16 7.65
C GLY A 6 5.94 5.19 6.87
N LEU A 7 5.38 5.69 5.79
CA LEU A 7 4.51 4.88 4.95
C LEU A 7 5.18 3.53 4.69
N LYS A 8 6.44 3.60 4.26
CA LYS A 8 7.19 2.40 3.97
C LYS A 8 7.18 1.48 5.20
N VAL A 9 7.37 2.09 6.35
CA VAL A 9 7.40 1.35 7.60
C VAL A 9 6.10 0.55 7.74
N LEU A 10 5.00 1.28 7.93
CA LEU A 10 3.69 0.67 8.07
C LEU A 10 3.48 -0.32 6.92
N TYR A 11 3.73 0.16 5.71
CA TYR A 11 3.57 -0.67 4.53
C TYR A 11 4.36 -1.98 4.66
N LYS A 12 5.65 -1.83 4.89
CA LYS A 12 6.53 -2.97 5.02
C LYS A 12 6.01 -3.87 6.15
N LEU A 13 5.36 -3.24 7.11
CA LEU A 13 4.81 -3.97 8.25
C LEU A 13 3.47 -4.59 7.84
N MET A 14 2.81 -3.94 6.89
CA MET A 14 1.53 -4.43 6.40
C MET A 14 1.72 -5.61 5.46
N ASP A 15 2.63 -5.45 4.52
CA ASP A 15 2.92 -6.50 3.56
C ASP A 15 3.42 -7.74 4.29
N VAL A 16 2.47 -8.55 4.71
CA VAL A 16 2.79 -9.78 5.43
C VAL A 16 2.43 -10.98 4.56
N ASP A 17 1.51 -10.76 3.63
CA ASP A 17 1.07 -11.81 2.73
C ASP A 17 2.28 -12.65 2.32
N GLY A 18 3.37 -11.95 1.99
CA GLY A 18 4.59 -12.62 1.58
C GLY A 18 4.86 -12.37 0.10
N ASP A 19 4.19 -11.37 -0.44
CA ASP A 19 4.35 -11.02 -1.85
C ASP A 19 5.36 -9.87 -1.97
N GLY A 20 5.19 -8.89 -1.10
CA GLY A 20 6.08 -7.74 -1.11
C GLY A 20 5.33 -6.48 -1.52
N LYS A 21 4.28 -6.69 -2.32
CA LYS A 21 3.48 -5.58 -2.81
C LYS A 21 2.25 -5.42 -1.91
N LEU A 22 1.79 -4.18 -1.79
CA LEU A 22 0.63 -3.88 -0.97
C LEU A 22 -0.62 -3.87 -1.85
N THR A 23 -1.26 -5.02 -1.93
CA THR A 23 -2.46 -5.17 -2.73
C THR A 23 -3.70 -4.91 -1.88
N LYS A 24 -4.80 -4.59 -2.55
CA LYS A 24 -6.05 -4.31 -1.88
C LYS A 24 -6.38 -5.49 -0.95
N GLU A 25 -6.45 -6.67 -1.54
CA GLU A 25 -6.77 -7.87 -0.79
C GLU A 25 -5.94 -7.92 0.51
N GLU A 26 -4.63 -7.92 0.33
CA GLU A 26 -3.73 -7.96 1.46
C GLU A 26 -3.94 -6.74 2.36
N VAL A 27 -4.31 -5.65 1.71
CA VAL A 27 -4.54 -4.40 2.44
C VAL A 27 -5.83 -4.53 3.27
N THR A 28 -6.95 -4.55 2.56
CA THR A 28 -8.25 -4.67 3.22
C THR A 28 -8.17 -5.68 4.36
N SER A 29 -7.35 -6.70 4.15
CA SER A 29 -7.17 -7.73 5.15
C SER A 29 -6.48 -7.17 6.39
N PHE A 30 -5.29 -6.63 6.17
CA PHE A 30 -4.51 -6.05 7.25
C PHE A 30 -5.12 -4.73 7.71
N PHE A 31 -5.72 -4.03 6.76
CA PHE A 31 -6.34 -2.75 7.06
C PHE A 31 -7.73 -2.95 7.67
N LYS A 32 -8.26 -4.15 7.47
CA LYS A 32 -9.59 -4.48 8.00
C LYS A 32 -9.74 -3.86 9.39
N LYS A 33 -8.62 -3.74 10.08
CA LYS A 33 -8.61 -3.17 11.41
C LYS A 33 -8.68 -1.65 11.32
N HIS A 34 -7.78 -1.10 10.51
CA HIS A 34 -7.72 0.34 10.32
C HIS A 34 -8.99 0.81 9.59
N GLY A 35 -8.77 1.65 8.59
CA GLY A 35 -9.88 2.19 7.81
C GLY A 35 -9.72 1.83 6.33
N ILE A 36 -9.51 0.55 6.09
CA ILE A 36 -9.34 0.06 4.72
C ILE A 36 -10.12 0.97 3.77
N GLU A 37 -11.38 1.20 4.12
CA GLU A 37 -12.25 2.04 3.30
C GLU A 37 -11.42 3.16 2.64
N LYS A 38 -11.00 4.09 3.48
CA LYS A 38 -10.21 5.22 2.99
C LYS A 38 -9.07 4.69 2.10
N VAL A 39 -8.16 3.98 2.73
CA VAL A 39 -7.02 3.42 2.02
C VAL A 39 -7.50 2.81 0.70
N ALA A 40 -8.72 2.30 0.73
CA ALA A 40 -9.31 1.70 -0.45
C ALA A 40 -9.41 2.75 -1.57
N GLU A 41 -10.01 3.87 -1.23
CA GLU A 41 -10.17 4.95 -2.19
C GLU A 41 -8.80 5.41 -2.70
N GLN A 42 -7.89 5.60 -1.75
CA GLN A 42 -6.55 6.05 -2.09
C GLN A 42 -5.82 4.95 -2.89
N VAL A 43 -6.04 3.71 -2.48
CA VAL A 43 -5.41 2.58 -3.14
C VAL A 43 -6.00 2.43 -4.54
N MET A 44 -7.30 2.66 -4.63
CA MET A 44 -8.00 2.55 -5.91
C MET A 44 -7.44 3.54 -6.93
N LYS A 45 -7.23 4.76 -6.46
CA LYS A 45 -6.70 5.81 -7.32
C LYS A 45 -5.18 5.66 -7.42
N ALA A 46 -4.62 4.94 -6.46
CA ALA A 46 -3.19 4.70 -6.44
C ALA A 46 -2.79 3.84 -7.65
N ASP A 47 -3.39 2.66 -7.72
CA ASP A 47 -3.11 1.76 -8.81
C ASP A 47 -3.68 2.32 -10.11
N ALA A 48 -4.54 3.33 -9.95
CA ALA A 48 -5.15 3.98 -11.10
C ALA A 48 -6.09 2.98 -11.79
N ASN A 49 -5.48 2.06 -12.52
CA ASN A 49 -6.23 1.05 -13.24
C ASN A 49 -7.38 0.56 -12.35
N GLY A 50 -7.04 0.25 -11.12
CA GLY A 50 -8.04 -0.23 -10.16
C GLY A 50 -7.90 -1.73 -9.94
N ASP A 51 -6.69 -2.15 -9.59
CA ASP A 51 -6.41 -3.55 -9.35
C ASP A 51 -4.91 -3.78 -9.39
N GLY A 52 -4.21 -3.13 -8.48
CA GLY A 52 -2.76 -3.25 -8.40
C GLY A 52 -2.30 -3.41 -6.95
N TYR A 53 -1.13 -2.86 -6.67
CA TYR A 53 -0.57 -2.93 -5.33
C TYR A 53 0.58 -1.94 -5.16
N ILE A 54 0.98 -1.74 -3.92
CA ILE A 54 2.07 -0.83 -3.61
C ILE A 54 3.36 -1.62 -3.43
N THR A 55 4.21 -1.56 -4.44
CA THR A 55 5.48 -2.26 -4.41
C THR A 55 6.60 -1.31 -3.97
N LEU A 56 7.47 -1.82 -3.13
CA LEU A 56 8.60 -1.04 -2.63
C LEU A 56 9.10 -0.13 -3.75
N GLU A 57 9.16 -0.69 -4.95
CA GLU A 57 9.63 0.05 -6.11
C GLU A 57 8.63 1.15 -6.46
N GLU A 58 7.39 0.74 -6.64
CA GLU A 58 6.32 1.68 -6.99
C GLU A 58 6.15 2.72 -5.87
N PHE A 59 6.24 2.24 -4.64
CA PHE A 59 6.09 3.10 -3.49
C PHE A 59 7.22 4.13 -3.43
N LEU A 60 8.40 3.69 -3.84
CA LEU A 60 9.57 4.57 -3.83
C LEU A 60 9.44 5.58 -4.97
N GLU A 61 9.31 5.06 -6.17
CA GLU A 61 9.18 5.90 -7.34
C GLU A 61 8.02 6.89 -7.16
N PHE A 62 7.03 6.45 -6.43
CA PHE A 62 5.86 7.27 -6.17
C PHE A 62 6.27 8.72 -5.86
N SER A 63 7.30 8.84 -5.04
CA SER A 63 7.80 10.15 -4.66
C SER A 63 8.69 10.71 -5.77
N LEU A 64 9.53 9.84 -6.31
CA LEU A 64 10.44 10.24 -7.39
C LEU A 64 9.67 10.27 -8.71
LA LA B . 1.84 -8.94 -0.04
#